data_2ZFH
#
_entry.id   2ZFH
#
_cell.length_a   68.693
_cell.length_b   88.844
_cell.length_c   125.334
_cell.angle_alpha   90.00
_cell.angle_beta   90.00
_cell.angle_gamma   90.00
#
_symmetry.space_group_name_H-M   'P 21 21 21'
#
loop_
_entity.id
_entity.type
_entity.pdbx_description
1 polymer CutA
2 water water
#
_entity_poly.entity_id   1
_entity_poly.type   'polypeptide(L)'
_entity_poly.pdbx_seq_one_letter_code
;MSGGRAPAVLLGGVASLLLSFVWMPALLPVASRLLLLPRVLLTMASGSPPTQPSPASDSGSGYVPGSVSAAFVTCPNEKV
AKEIARAVVEKRLAACVNLIPQITSIYEWKGKIEEDSEVLMMIKTQSSLVPALTDFVRSVHPYEVAEVIALPVEQGNFPY
LQWVRQVTESVSDSITVLP
;
_entity_poly.pdbx_strand_id   A,B,C,D,E,F
#
# COMPACT_ATOMS: atom_id res chain seq x y z
N SER A 61 17.28 -3.85 -14.83
CA SER A 61 15.90 -3.28 -14.95
C SER A 61 15.40 -2.78 -13.60
N GLY A 62 14.08 -2.62 -13.49
CA GLY A 62 13.49 -2.14 -12.26
C GLY A 62 12.66 -3.20 -11.56
N TYR A 63 11.69 -2.75 -10.77
CA TYR A 63 10.80 -3.63 -10.03
C TYR A 63 9.48 -2.91 -9.86
N VAL A 64 8.38 -3.60 -10.13
CA VAL A 64 7.05 -3.01 -9.98
C VAL A 64 6.63 -3.25 -8.54
N PRO A 65 6.50 -2.17 -7.75
CA PRO A 65 6.10 -2.34 -6.35
C PRO A 65 4.83 -3.16 -6.20
N GLY A 66 4.86 -4.11 -5.27
CA GLY A 66 3.70 -4.97 -5.01
C GLY A 66 3.54 -6.15 -5.94
N SER A 67 4.39 -6.29 -6.95
CA SER A 67 4.24 -7.40 -7.89
C SER A 67 4.65 -8.73 -7.26
N VAL A 68 5.48 -8.67 -6.22
CA VAL A 68 5.90 -9.86 -5.48
C VAL A 68 5.37 -9.73 -4.06
N SER A 69 5.00 -10.87 -3.46
CA SER A 69 4.49 -10.88 -2.10
C SER A 69 5.14 -11.95 -1.24
N ALA A 70 4.98 -11.79 0.08
CA ALA A 70 5.50 -12.73 1.05
C ALA A 70 4.25 -13.23 1.74
N ALA A 71 4.02 -14.53 1.71
CA ALA A 71 2.84 -15.11 2.34
C ALA A 71 3.30 -15.88 3.57
N PHE A 72 2.48 -15.85 4.61
CA PHE A 72 2.80 -16.56 5.83
C PHE A 72 1.78 -17.67 6.00
N VAL A 73 2.26 -18.85 6.35
CA VAL A 73 1.42 -20.01 6.53
C VAL A 73 1.91 -20.78 7.75
N THR A 74 1.00 -21.15 8.63
CA THR A 74 1.38 -21.92 9.81
C THR A 74 0.97 -23.37 9.61
N CYS A 75 1.84 -24.28 10.05
CA CYS A 75 1.59 -25.71 9.93
C CYS A 75 1.77 -26.35 11.29
N PRO A 76 1.13 -27.51 11.51
CA PRO A 76 1.26 -28.19 12.80
C PRO A 76 2.64 -28.75 13.13
N ASN A 77 3.44 -29.07 12.11
CA ASN A 77 4.76 -29.63 12.36
C ASN A 77 5.70 -29.57 11.15
N GLU A 78 6.97 -29.91 11.37
CA GLU A 78 7.98 -29.88 10.33
C GLU A 78 7.69 -30.76 9.11
N LYS A 79 7.17 -31.95 9.34
CA LYS A 79 6.86 -32.87 8.24
C LYS A 79 5.84 -32.28 7.28
N VAL A 80 4.77 -31.70 7.83
CA VAL A 80 3.74 -31.08 7.01
C VAL A 80 4.30 -29.84 6.31
N ALA A 81 5.02 -29.00 7.05
CA ALA A 81 5.60 -27.79 6.47
C ALA A 81 6.49 -28.10 5.28
N LYS A 82 7.38 -29.08 5.44
CA LYS A 82 8.30 -29.49 4.37
C LYS A 82 7.57 -30.07 3.16
N GLU A 83 6.52 -30.83 3.41
CA GLU A 83 5.75 -31.44 2.33
C GLU A 83 5.13 -30.40 1.43
N ILE A 84 4.49 -29.41 2.03
CA ILE A 84 3.82 -28.33 1.30
C ILE A 84 4.83 -27.40 0.61
N ALA A 85 5.93 -27.13 1.29
CA ALA A 85 6.96 -26.26 0.75
C ALA A 85 7.54 -26.80 -0.55
N ARG A 86 7.88 -28.09 -0.54
CA ARG A 86 8.45 -28.73 -1.72
C ARG A 86 7.43 -28.75 -2.86
N ALA A 87 6.19 -29.09 -2.52
CA ALA A 87 5.14 -29.15 -3.52
C ALA A 87 4.88 -27.79 -4.20
N VAL A 88 4.73 -26.73 -3.41
CA VAL A 88 4.47 -25.41 -4.00
C VAL A 88 5.63 -24.91 -4.84
N VAL A 89 6.85 -25.25 -4.45
CA VAL A 89 8.02 -24.83 -5.21
C VAL A 89 8.15 -25.62 -6.50
N GLU A 90 7.81 -26.91 -6.45
CA GLU A 90 7.89 -27.74 -7.64
C GLU A 90 6.81 -27.31 -8.64
N LYS A 91 5.63 -26.98 -8.13
CA LYS A 91 4.51 -26.56 -8.98
C LYS A 91 4.68 -25.12 -9.44
N ARG A 92 5.79 -24.52 -9.05
CA ARG A 92 6.09 -23.14 -9.44
C ARG A 92 5.07 -22.09 -8.94
N LEU A 93 4.40 -22.40 -7.84
CA LEU A 93 3.44 -21.48 -7.24
C LEU A 93 4.23 -20.56 -6.31
N ALA A 94 5.50 -20.91 -6.09
CA ALA A 94 6.38 -20.14 -5.23
C ALA A 94 7.82 -20.36 -5.66
N ALA A 95 8.65 -19.36 -5.40
CA ALA A 95 10.06 -19.45 -5.76
C ALA A 95 10.91 -19.83 -4.57
N CYS A 96 10.41 -19.52 -3.37
CA CYS A 96 11.18 -19.80 -2.18
C CYS A 96 10.32 -19.89 -0.91
N VAL A 97 10.67 -20.83 -0.03
CA VAL A 97 9.95 -21.01 1.21
C VAL A 97 10.97 -21.10 2.35
N ASN A 98 10.76 -20.30 3.39
CA ASN A 98 11.63 -20.31 4.57
C ASN A 98 10.81 -20.93 5.70
N LEU A 99 11.35 -21.97 6.32
CA LEU A 99 10.62 -22.62 7.40
C LEU A 99 11.19 -22.23 8.76
N ILE A 100 10.32 -21.72 9.62
CA ILE A 100 10.74 -21.33 10.96
C ILE A 100 10.12 -22.31 11.96
N PRO A 101 10.95 -23.09 12.66
CA PRO A 101 10.45 -24.05 13.62
C PRO A 101 10.33 -23.52 15.04
N GLN A 102 9.80 -24.37 15.92
CA GLN A 102 9.65 -24.04 17.33
C GLN A 102 8.74 -22.86 17.63
N ILE A 103 7.72 -22.65 16.79
CA ILE A 103 6.78 -21.56 17.02
C ILE A 103 5.70 -22.00 17.98
N THR A 104 5.15 -21.06 18.74
CA THR A 104 4.05 -21.36 19.64
C THR A 104 2.92 -20.43 19.27
N SER A 105 1.78 -21.01 18.90
CA SER A 105 0.62 -20.25 18.52
C SER A 105 -0.35 -20.12 19.69
N ILE A 106 -0.82 -18.91 19.92
CA ILE A 106 -1.73 -18.65 21.02
C ILE A 106 -3.00 -18.01 20.50
N TYR A 107 -4.14 -18.55 20.93
CA TYR A 107 -5.43 -18.05 20.50
C TYR A 107 -6.52 -18.59 21.41
N GLU A 108 -7.68 -17.96 21.36
CA GLU A 108 -8.81 -18.40 22.17
C GLU A 108 -9.66 -19.43 21.45
N TRP A 109 -10.03 -20.50 22.15
CA TRP A 109 -10.87 -21.53 21.55
C TRP A 109 -11.73 -22.20 22.62
N LYS A 110 -13.04 -22.12 22.44
CA LYS A 110 -14.01 -22.70 23.36
C LYS A 110 -13.89 -22.05 24.73
N GLY A 111 -13.69 -20.74 24.74
CA GLY A 111 -13.60 -20.00 25.97
C GLY A 111 -12.33 -20.19 26.76
N LYS A 112 -11.31 -20.76 26.12
CA LYS A 112 -10.04 -20.99 26.79
C LYS A 112 -8.85 -20.68 25.87
N ILE A 113 -7.73 -20.28 26.46
CA ILE A 113 -6.54 -19.97 25.68
C ILE A 113 -5.77 -21.22 25.31
N GLU A 114 -5.49 -21.37 24.02
CA GLU A 114 -4.75 -22.52 23.50
C GLU A 114 -3.34 -22.12 23.10
N GLU A 115 -2.36 -22.96 23.44
CA GLU A 115 -0.96 -22.71 23.11
C GLU A 115 -0.45 -23.93 22.33
N ASP A 116 -0.27 -23.78 21.02
CA ASP A 116 0.19 -24.90 20.22
C ASP A 116 1.59 -24.77 19.69
N SER A 117 2.18 -25.91 19.36
CA SER A 117 3.51 -25.97 18.80
C SER A 117 3.31 -26.04 17.29
N GLU A 118 3.90 -25.11 16.55
CA GLU A 118 3.74 -25.11 15.10
C GLU A 118 5.00 -24.67 14.39
N VAL A 119 4.94 -24.68 13.06
CA VAL A 119 6.05 -24.24 12.23
C VAL A 119 5.48 -23.14 11.35
N LEU A 120 6.23 -22.06 11.16
CA LEU A 120 5.79 -20.94 10.35
C LEU A 120 6.50 -20.89 9.00
N MET A 121 5.73 -20.77 7.93
CA MET A 121 6.27 -20.71 6.58
C MET A 121 6.21 -19.30 6.01
N MET A 122 7.31 -18.86 5.41
CA MET A 122 7.34 -17.56 4.77
C MET A 122 7.54 -17.91 3.29
N ILE A 123 6.56 -17.56 2.46
CA ILE A 123 6.60 -17.91 1.05
C ILE A 123 6.71 -16.72 0.12
N LYS A 124 7.75 -16.70 -0.70
CA LYS A 124 7.97 -15.61 -1.65
C LYS A 124 7.50 -16.01 -3.03
N THR A 125 6.52 -15.28 -3.55
CA THR A 125 6.01 -15.58 -4.86
C THR A 125 5.44 -14.34 -5.52
N GLN A 126 4.97 -14.51 -6.75
CA GLN A 126 4.38 -13.41 -7.47
C GLN A 126 3.05 -13.10 -6.82
N SER A 127 2.79 -11.81 -6.64
CA SER A 127 1.56 -11.37 -6.01
C SER A 127 0.33 -11.89 -6.77
N SER A 128 0.44 -12.01 -8.08
CA SER A 128 -0.67 -12.49 -8.90
C SER A 128 -0.94 -13.99 -8.72
N LEU A 129 0.01 -14.69 -8.10
CA LEU A 129 -0.11 -16.12 -7.87
C LEU A 129 -0.64 -16.50 -6.50
N VAL A 130 -0.72 -15.53 -5.60
CA VAL A 130 -1.19 -15.80 -4.25
C VAL A 130 -2.56 -16.50 -4.22
N PRO A 131 -3.51 -16.11 -5.09
CA PRO A 131 -4.80 -16.82 -5.02
C PRO A 131 -4.63 -18.32 -5.31
N ALA A 132 -3.88 -18.64 -6.35
CA ALA A 132 -3.64 -20.05 -6.70
C ALA A 132 -2.85 -20.75 -5.61
N LEU A 133 -1.90 -20.02 -5.01
CA LEU A 133 -1.10 -20.57 -3.92
C LEU A 133 -2.01 -20.91 -2.74
N THR A 134 -2.93 -20.01 -2.45
CA THR A 134 -3.86 -20.20 -1.34
C THR A 134 -4.80 -21.38 -1.60
N ASP A 135 -5.22 -21.55 -2.86
CA ASP A 135 -6.09 -22.65 -3.23
C ASP A 135 -5.37 -23.97 -3.01
N PHE A 136 -4.11 -24.02 -3.44
CA PHE A 136 -3.34 -25.24 -3.28
C PHE A 136 -3.15 -25.56 -1.81
N VAL A 137 -2.59 -24.62 -1.06
CA VAL A 137 -2.37 -24.84 0.37
C VAL A 137 -3.66 -25.27 1.07
N ARG A 138 -4.78 -24.70 0.66
CA ARG A 138 -6.04 -25.04 1.28
C ARG A 138 -6.43 -26.49 1.01
N SER A 139 -6.13 -26.98 -0.19
CA SER A 139 -6.49 -28.34 -0.59
C SER A 139 -5.66 -29.45 0.04
N VAL A 140 -4.46 -29.13 0.52
CA VAL A 140 -3.61 -30.15 1.12
C VAL A 140 -3.28 -29.89 2.57
N HIS A 141 -3.75 -28.79 3.12
CA HIS A 141 -3.47 -28.46 4.50
C HIS A 141 -4.40 -29.23 5.44
N PRO A 142 -3.86 -29.82 6.52
CA PRO A 142 -4.65 -30.58 7.48
C PRO A 142 -5.70 -29.77 8.24
N TYR A 143 -5.54 -28.45 8.29
CA TYR A 143 -6.48 -27.62 9.02
C TYR A 143 -7.70 -27.28 8.16
N GLU A 144 -8.86 -27.18 8.79
CA GLU A 144 -10.08 -26.86 8.08
C GLU A 144 -9.98 -25.42 7.56
N VAL A 145 -9.34 -24.56 8.36
CA VAL A 145 -9.15 -23.18 7.99
C VAL A 145 -7.68 -22.83 8.22
N ALA A 146 -6.87 -22.99 7.17
CA ALA A 146 -5.44 -22.71 7.25
C ALA A 146 -5.11 -21.22 7.19
N GLU A 147 -4.17 -20.81 8.03
CA GLU A 147 -3.75 -19.41 8.04
C GLU A 147 -2.87 -19.18 6.83
N VAL A 148 -3.28 -18.25 5.98
CA VAL A 148 -2.51 -17.89 4.81
C VAL A 148 -2.75 -16.40 4.64
N ILE A 149 -1.70 -15.60 4.85
CA ILE A 149 -1.81 -14.16 4.73
C ILE A 149 -0.63 -13.70 3.89
N ALA A 150 -0.86 -12.76 2.99
CA ALA A 150 0.21 -12.28 2.13
C ALA A 150 0.40 -10.77 2.20
N LEU A 151 1.66 -10.35 2.28
CA LEU A 151 2.03 -8.94 2.36
C LEU A 151 2.84 -8.55 1.13
N PRO A 152 2.51 -7.41 0.51
CA PRO A 152 3.23 -6.96 -0.69
C PRO A 152 4.63 -6.41 -0.43
N VAL A 153 5.55 -6.82 -1.28
CA VAL A 153 6.93 -6.39 -1.21
C VAL A 153 7.02 -5.10 -2.03
N GLU A 154 7.45 -4.01 -1.40
CA GLU A 154 7.55 -2.73 -2.08
C GLU A 154 8.91 -2.42 -2.66
N GLN A 155 9.96 -2.85 -1.98
CA GLN A 155 11.34 -2.61 -2.39
C GLN A 155 12.14 -3.89 -2.15
N GLY A 156 13.45 -3.83 -2.45
CA GLY A 156 14.32 -4.97 -2.25
C GLY A 156 15.41 -5.09 -3.29
N ASN A 157 16.02 -6.27 -3.38
CA ASN A 157 17.08 -6.52 -4.34
C ASN A 157 16.46 -6.92 -5.68
N PHE A 158 16.51 -5.99 -6.63
CA PHE A 158 15.94 -6.22 -7.95
C PHE A 158 16.28 -7.55 -8.62
N PRO A 159 17.57 -7.95 -8.65
CA PRO A 159 17.88 -9.23 -9.29
C PRO A 159 17.18 -10.41 -8.59
N TYR A 160 17.05 -10.32 -7.27
CA TYR A 160 16.37 -11.37 -6.50
C TYR A 160 14.89 -11.39 -6.85
N LEU A 161 14.27 -10.20 -6.81
CA LEU A 161 12.85 -10.08 -7.12
C LEU A 161 12.58 -10.52 -8.56
N GLN A 162 13.52 -10.21 -9.45
CA GLN A 162 13.40 -10.60 -10.85
C GLN A 162 13.42 -12.13 -10.94
N TRP A 163 14.28 -12.75 -10.13
CA TRP A 163 14.39 -14.20 -10.09
C TRP A 163 13.08 -14.84 -9.61
N VAL A 164 12.47 -14.27 -8.58
CA VAL A 164 11.22 -14.79 -8.04
C VAL A 164 10.15 -14.84 -9.14
N ARG A 165 10.10 -13.80 -9.97
CA ARG A 165 9.13 -13.75 -11.05
C ARG A 165 9.44 -14.76 -12.15
N GLN A 166 10.71 -14.87 -12.54
CA GLN A 166 11.10 -15.80 -13.59
C GLN A 166 10.85 -17.27 -13.27
N VAL A 167 11.33 -17.76 -12.13
CA VAL A 167 11.17 -19.16 -11.75
C VAL A 167 9.74 -19.52 -11.35
N THR A 168 8.86 -18.53 -11.36
CA THR A 168 7.47 -18.78 -10.98
C THR A 168 6.56 -18.42 -12.15
N GLU A 169 7.17 -17.86 -13.18
CA GLU A 169 6.45 -17.43 -14.36
C GLU A 169 6.07 -18.63 -15.26
N GLY B 62 3.15 11.81 15.15
CA GLY B 62 2.41 11.54 13.89
C GLY B 62 3.21 10.73 12.87
N TYR B 63 3.08 9.42 12.92
CA TYR B 63 3.79 8.56 11.99
C TYR B 63 3.28 8.69 10.55
N VAL B 64 4.19 8.84 9.61
CA VAL B 64 3.80 8.93 8.22
C VAL B 64 3.78 7.49 7.70
N PRO B 65 2.59 6.98 7.36
CA PRO B 65 2.44 5.61 6.86
C PRO B 65 3.48 5.25 5.80
N GLY B 66 4.18 4.14 6.03
CA GLY B 66 5.18 3.67 5.07
C GLY B 66 6.56 4.29 5.10
N SER B 67 6.83 5.22 6.02
CA SER B 67 8.14 5.86 6.05
C SER B 67 9.20 4.94 6.66
N VAL B 68 8.73 3.92 7.39
CA VAL B 68 9.62 2.93 7.95
C VAL B 68 9.27 1.61 7.29
N SER B 69 10.27 0.79 7.01
CA SER B 69 10.03 -0.50 6.38
C SER B 69 10.67 -1.62 7.16
N ALA B 70 10.18 -2.84 6.94
CA ALA B 70 10.75 -4.01 7.58
C ALA B 70 11.37 -4.78 6.41
N ALA B 71 12.67 -5.04 6.49
CA ALA B 71 13.36 -5.77 5.42
C ALA B 71 13.81 -7.14 5.87
N PHE B 72 13.59 -8.13 5.02
CA PHE B 72 14.01 -9.50 5.32
C PHE B 72 15.21 -9.90 4.46
N VAL B 73 16.23 -10.43 5.12
CA VAL B 73 17.45 -10.88 4.46
C VAL B 73 17.78 -12.31 4.93
N THR B 74 18.24 -13.14 4.01
CA THR B 74 18.59 -14.50 4.36
C THR B 74 20.10 -14.66 4.28
N CYS B 75 20.69 -15.24 5.31
CA CYS B 75 22.12 -15.46 5.34
C CYS B 75 22.40 -16.95 5.49
N PRO B 76 23.59 -17.38 5.05
CA PRO B 76 23.97 -18.80 5.14
C PRO B 76 24.17 -19.31 6.56
N ASN B 77 24.72 -18.47 7.43
CA ASN B 77 24.97 -18.90 8.80
C ASN B 77 24.96 -17.72 9.77
N GLU B 78 24.91 -18.04 11.06
CA GLU B 78 24.88 -17.02 12.10
C GLU B 78 26.07 -16.07 12.08
N LYS B 79 27.25 -16.61 11.78
CA LYS B 79 28.46 -15.79 11.73
C LYS B 79 28.30 -14.65 10.73
N VAL B 80 27.88 -15.00 9.52
CA VAL B 80 27.67 -13.99 8.47
C VAL B 80 26.55 -13.01 8.84
N ALA B 81 25.44 -13.56 9.33
CA ALA B 81 24.29 -12.74 9.71
C ALA B 81 24.69 -11.67 10.73
N LYS B 82 25.42 -12.09 11.77
CA LYS B 82 25.85 -11.15 12.81
C LYS B 82 26.80 -10.07 12.28
N GLU B 83 27.71 -10.45 11.39
CA GLU B 83 28.65 -9.50 10.82
C GLU B 83 27.91 -8.44 10.01
N ILE B 84 26.98 -8.90 9.18
CA ILE B 84 26.21 -7.97 8.36
C ILE B 84 25.30 -7.12 9.23
N ALA B 85 24.64 -7.76 10.19
CA ALA B 85 23.73 -7.06 11.09
C ALA B 85 24.45 -5.98 11.87
N ARG B 86 25.64 -6.29 12.37
CA ARG B 86 26.40 -5.31 13.14
C ARG B 86 26.87 -4.15 12.25
N ALA B 87 27.36 -4.48 11.05
CA ALA B 87 27.84 -3.45 10.13
C ALA B 87 26.70 -2.49 9.77
N VAL B 88 25.56 -3.07 9.41
CA VAL B 88 24.38 -2.29 9.04
C VAL B 88 23.95 -1.27 10.11
N VAL B 89 24.00 -1.68 11.37
CA VAL B 89 23.60 -0.77 12.44
C VAL B 89 24.73 0.20 12.75
N GLU B 90 25.96 -0.28 12.59
CA GLU B 90 27.12 0.54 12.83
C GLU B 90 27.12 1.67 11.80
N LYS B 91 26.87 1.31 10.54
CA LYS B 91 26.81 2.27 9.44
C LYS B 91 25.51 3.05 9.40
N ARG B 92 24.64 2.84 10.37
CA ARG B 92 23.36 3.54 10.45
C ARG B 92 22.43 3.34 9.25
N LEU B 93 22.50 2.19 8.61
CA LEU B 93 21.61 1.91 7.49
C LEU B 93 20.32 1.34 8.05
N ALA B 94 20.38 0.93 9.33
CA ALA B 94 19.24 0.35 10.04
C ALA B 94 19.31 0.67 11.53
N ALA B 95 18.15 0.67 12.17
CA ALA B 95 18.06 0.96 13.59
C ALA B 95 18.17 -0.29 14.43
N CYS B 96 17.62 -1.38 13.91
CA CYS B 96 17.62 -2.62 14.65
C CYS B 96 17.57 -3.79 13.68
N VAL B 97 18.12 -4.93 14.10
CA VAL B 97 18.09 -6.13 13.27
C VAL B 97 17.71 -7.31 14.15
N ASN B 98 16.75 -8.12 13.71
CA ASN B 98 16.34 -9.31 14.46
C ASN B 98 16.81 -10.53 13.69
N LEU B 99 17.60 -11.37 14.34
CA LEU B 99 18.11 -12.57 13.73
C LEU B 99 17.33 -13.79 14.19
N ILE B 100 16.84 -14.57 13.22
CA ILE B 100 16.09 -15.76 13.51
C ILE B 100 16.93 -16.92 13.01
N PRO B 101 17.49 -17.72 13.93
CA PRO B 101 18.33 -18.86 13.58
C PRO B 101 17.57 -20.11 13.16
N GLN B 102 18.32 -21.12 12.75
CA GLN B 102 17.75 -22.40 12.34
C GLN B 102 16.58 -22.38 11.37
N ILE B 103 16.73 -21.65 10.27
CA ILE B 103 15.69 -21.59 9.26
C ILE B 103 16.05 -22.61 8.18
N THR B 104 15.03 -23.20 7.58
CA THR B 104 15.26 -24.15 6.50
C THR B 104 14.68 -23.48 5.25
N SER B 105 15.50 -23.30 4.22
CA SER B 105 15.02 -22.68 2.99
C SER B 105 14.85 -23.73 1.91
N ILE B 106 13.76 -23.63 1.16
CA ILE B 106 13.46 -24.57 0.09
C ILE B 106 13.18 -23.73 -1.13
N TYR B 107 14.02 -23.87 -2.15
CA TYR B 107 13.87 -23.09 -3.37
C TYR B 107 14.34 -23.87 -4.58
N GLU B 108 14.07 -23.32 -5.75
CA GLU B 108 14.48 -23.96 -6.99
C GLU B 108 15.88 -23.47 -7.33
N TRP B 109 16.62 -24.32 -8.04
CA TRP B 109 17.97 -24.00 -8.47
C TRP B 109 18.26 -24.87 -9.68
N LYS B 110 18.39 -24.25 -10.84
CA LYS B 110 18.66 -24.95 -12.08
C LYS B 110 17.63 -26.05 -12.28
N GLY B 111 16.37 -25.72 -12.05
CA GLY B 111 15.29 -26.68 -12.21
C GLY B 111 15.08 -27.66 -11.07
N LYS B 112 16.09 -27.87 -10.24
CA LYS B 112 15.98 -28.81 -9.12
C LYS B 112 15.66 -28.12 -7.79
N ILE B 113 14.90 -28.82 -6.95
CA ILE B 113 14.52 -28.32 -5.64
C ILE B 113 15.67 -28.52 -4.67
N GLU B 114 16.00 -27.48 -3.91
CA GLU B 114 17.09 -27.56 -2.97
C GLU B 114 16.64 -27.19 -1.55
N GLU B 115 17.37 -27.65 -0.55
CA GLU B 115 17.07 -27.35 0.85
C GLU B 115 18.33 -26.92 1.59
N ASP B 116 18.30 -25.70 2.14
CA ASP B 116 19.44 -25.18 2.88
C ASP B 116 19.09 -24.75 4.30
N SER B 117 20.10 -24.74 5.14
CA SER B 117 19.99 -24.33 6.53
C SER B 117 20.43 -22.87 6.52
N GLU B 118 19.61 -21.98 7.05
CA GLU B 118 19.96 -20.56 7.06
C GLU B 118 19.53 -19.74 8.26
N VAL B 119 19.82 -18.45 8.18
CA VAL B 119 19.44 -17.53 9.23
C VAL B 119 18.66 -16.42 8.55
N LEU B 120 17.53 -16.03 9.12
CA LEU B 120 16.70 -14.98 8.56
C LEU B 120 16.86 -13.71 9.37
N MET B 121 17.04 -12.59 8.70
CA MET B 121 17.22 -11.30 9.36
C MET B 121 16.03 -10.37 9.09
N MET B 122 15.51 -9.75 10.14
CA MET B 122 14.44 -8.79 10.00
C MET B 122 15.08 -7.46 10.35
N ILE B 123 15.14 -6.56 9.39
CA ILE B 123 15.77 -5.26 9.59
C ILE B 123 14.77 -4.09 9.55
N LYS B 124 14.80 -3.23 10.55
CA LYS B 124 13.92 -2.09 10.54
C LYS B 124 14.72 -0.85 10.23
N THR B 125 14.20 -0.06 9.31
CA THR B 125 14.88 1.15 8.89
C THR B 125 13.93 2.07 8.12
N GLN B 126 14.39 3.29 7.83
CA GLN B 126 13.59 4.24 7.07
C GLN B 126 13.43 3.65 5.67
N SER B 127 12.25 3.78 5.09
CA SER B 127 11.99 3.25 3.75
C SER B 127 12.94 3.89 2.74
N SER B 128 13.28 5.15 2.96
CA SER B 128 14.16 5.85 2.04
C SER B 128 15.58 5.26 2.03
N LEU B 129 15.93 4.52 3.09
CA LEU B 129 17.26 3.92 3.18
C LEU B 129 17.34 2.49 2.66
N VAL B 130 16.23 1.91 2.26
CA VAL B 130 16.25 0.52 1.78
C VAL B 130 17.20 0.32 0.61
N PRO B 131 17.24 1.28 -0.34
CA PRO B 131 18.16 1.13 -1.48
C PRO B 131 19.62 1.07 -1.03
N ALA B 132 20.03 1.99 -0.17
CA ALA B 132 21.40 1.99 0.34
C ALA B 132 21.68 0.70 1.11
N LEU B 133 20.74 0.28 1.94
CA LEU B 133 20.89 -0.94 2.72
C LEU B 133 21.04 -2.15 1.81
N THR B 134 20.25 -2.19 0.74
CA THR B 134 20.31 -3.30 -0.18
C THR B 134 21.66 -3.32 -0.90
N ASP B 135 22.10 -2.16 -1.36
CA ASP B 135 23.39 -2.09 -2.05
C ASP B 135 24.49 -2.58 -1.13
N PHE B 136 24.47 -2.14 0.12
CA PHE B 136 25.49 -2.57 1.08
C PHE B 136 25.43 -4.07 1.35
N VAL B 137 24.23 -4.59 1.60
CA VAL B 137 24.09 -6.01 1.87
C VAL B 137 24.62 -6.87 0.72
N ARG B 138 24.41 -6.43 -0.51
CA ARG B 138 24.89 -7.23 -1.63
C ARG B 138 26.39 -7.06 -1.86
N SER B 139 26.97 -6.02 -1.28
CA SER B 139 28.40 -5.78 -1.44
C SER B 139 29.21 -6.73 -0.57
N VAL B 140 28.66 -7.11 0.58
CA VAL B 140 29.37 -7.98 1.50
C VAL B 140 28.73 -9.34 1.69
N HIS B 141 27.59 -9.56 1.06
CA HIS B 141 26.91 -10.84 1.21
C HIS B 141 27.62 -11.88 0.36
N PRO B 142 27.85 -13.08 0.94
CA PRO B 142 28.53 -14.16 0.22
C PRO B 142 27.78 -14.70 -1.01
N TYR B 143 26.45 -14.68 -0.98
CA TYR B 143 25.68 -15.17 -2.12
C TYR B 143 25.81 -14.26 -3.34
N GLU B 144 25.60 -14.86 -4.52
CA GLU B 144 25.66 -14.12 -5.79
C GLU B 144 24.47 -13.16 -5.82
N VAL B 145 23.29 -13.67 -5.49
CA VAL B 145 22.07 -12.86 -5.46
C VAL B 145 21.43 -12.95 -4.09
N ALA B 146 21.72 -11.96 -3.25
CA ALA B 146 21.18 -11.93 -1.90
C ALA B 146 19.69 -11.61 -1.83
N GLU B 147 18.98 -12.37 -1.00
CA GLU B 147 17.55 -12.13 -0.82
C GLU B 147 17.35 -10.89 0.00
N VAL B 148 16.72 -9.88 -0.57
CA VAL B 148 16.42 -8.68 0.17
C VAL B 148 15.04 -8.21 -0.23
N ILE B 149 14.10 -8.28 0.70
CA ILE B 149 12.73 -7.84 0.43
C ILE B 149 12.30 -6.95 1.57
N ALA B 150 11.59 -5.87 1.25
CA ALA B 150 11.14 -4.93 2.26
C ALA B 150 9.64 -4.70 2.18
N LEU B 151 9.00 -4.69 3.34
CA LEU B 151 7.56 -4.45 3.43
C LEU B 151 7.34 -3.15 4.20
N PRO B 152 6.38 -2.33 3.75
CA PRO B 152 6.11 -1.06 4.42
C PRO B 152 5.34 -1.19 5.72
N VAL B 153 5.73 -0.38 6.70
CA VAL B 153 5.06 -0.36 7.99
C VAL B 153 4.03 0.75 7.90
N GLU B 154 2.76 0.42 8.18
CA GLU B 154 1.68 1.41 8.09
C GLU B 154 1.27 1.98 9.43
N GLN B 155 1.44 1.19 10.48
CA GLN B 155 1.09 1.60 11.84
C GLN B 155 2.08 0.99 12.84
N GLY B 156 1.93 1.40 14.10
CA GLY B 156 2.80 0.86 15.13
C GLY B 156 2.90 1.78 16.33
N ASN B 157 3.98 1.65 17.07
CA ASN B 157 4.20 2.48 18.23
C ASN B 157 5.01 3.69 17.78
N PHE B 158 4.35 4.84 17.75
CA PHE B 158 4.99 6.07 17.30
C PHE B 158 6.36 6.38 17.89
N PRO B 159 6.51 6.28 19.23
CA PRO B 159 7.83 6.56 19.81
C PRO B 159 8.93 5.69 19.20
N TYR B 160 8.65 4.41 19.01
CA TYR B 160 9.60 3.47 18.44
C TYR B 160 9.89 3.79 16.98
N LEU B 161 8.83 4.07 16.23
CA LEU B 161 8.95 4.40 14.83
C LEU B 161 9.78 5.67 14.72
N GLN B 162 9.54 6.61 15.64
CA GLN B 162 10.29 7.85 15.65
C GLN B 162 11.77 7.57 15.90
N TRP B 163 12.05 6.68 16.84
CA TRP B 163 13.42 6.32 17.16
C TRP B 163 14.16 5.69 15.99
N VAL B 164 13.46 4.84 15.23
CA VAL B 164 14.07 4.20 14.06
C VAL B 164 14.60 5.30 13.13
N ARG B 165 13.78 6.33 12.94
CA ARG B 165 14.12 7.45 12.09
C ARG B 165 15.37 8.21 12.57
N GLN B 166 15.41 8.53 13.86
CA GLN B 166 16.51 9.28 14.42
C GLN B 166 17.88 8.61 14.39
N VAL B 167 17.94 7.31 14.69
CA VAL B 167 19.23 6.64 14.70
C VAL B 167 19.75 6.28 13.32
N THR B 168 18.97 6.57 12.27
CA THR B 168 19.41 6.28 10.91
C THR B 168 19.46 7.57 10.09
N TYR C 63 -12.83 -10.41 0.93
CA TYR C 63 -11.79 -9.73 1.78
C TYR C 63 -11.46 -8.33 1.28
N VAL C 64 -11.47 -7.38 2.21
CA VAL C 64 -11.13 -6.00 1.89
C VAL C 64 -9.63 -5.87 2.14
N PRO C 65 -8.85 -5.58 1.09
CA PRO C 65 -7.39 -5.45 1.23
C PRO C 65 -7.01 -4.45 2.32
N GLY C 66 -6.07 -4.85 3.18
CA GLY C 66 -5.63 -3.99 4.26
C GLY C 66 -6.50 -3.96 5.50
N SER C 67 -7.62 -4.68 5.51
CA SER C 67 -8.50 -4.65 6.67
C SER C 67 -7.96 -5.48 7.83
N VAL C 68 -6.98 -6.34 7.53
CA VAL C 68 -6.33 -7.15 8.56
C VAL C 68 -4.83 -6.83 8.47
N SER C 69 -4.16 -6.87 9.61
CA SER C 69 -2.73 -6.58 9.65
C SER C 69 -2.00 -7.55 10.55
N ALA C 70 -0.69 -7.65 10.32
CA ALA C 70 0.16 -8.50 11.14
C ALA C 70 1.09 -7.51 11.82
N ALA C 71 1.11 -7.54 13.15
CA ALA C 71 1.97 -6.64 13.91
C ALA C 71 3.09 -7.45 14.56
N PHE C 72 4.29 -6.89 14.58
CA PHE C 72 5.43 -7.55 15.20
C PHE C 72 5.80 -6.82 16.49
N VAL C 73 6.08 -7.61 17.53
CA VAL C 73 6.50 -7.09 18.82
C VAL C 73 7.59 -7.98 19.37
N THR C 74 8.66 -7.38 19.88
CA THR C 74 9.74 -8.16 20.48
C THR C 74 9.66 -7.99 21.99
N CYS C 75 9.98 -9.06 22.70
CA CYS C 75 9.95 -9.08 24.16
C CYS C 75 11.25 -9.68 24.67
N PRO C 76 11.62 -9.37 25.93
CA PRO C 76 12.84 -9.87 26.58
C PRO C 76 12.96 -11.39 26.72
N ASN C 77 11.87 -12.05 27.09
CA ASN C 77 11.88 -13.51 27.20
C ASN C 77 10.50 -14.09 26.91
N GLU C 78 10.40 -15.41 26.85
CA GLU C 78 9.14 -16.08 26.54
C GLU C 78 8.06 -15.87 27.60
N LYS C 79 8.48 -15.60 28.83
CA LYS C 79 7.51 -15.38 29.91
C LYS C 79 6.70 -14.12 29.65
N VAL C 80 7.39 -13.04 29.30
CA VAL C 80 6.72 -11.77 29.02
C VAL C 80 5.92 -11.90 27.72
N ALA C 81 6.51 -12.53 26.70
CA ALA C 81 5.80 -12.69 25.43
C ALA C 81 4.47 -13.39 25.61
N LYS C 82 4.49 -14.53 26.32
CA LYS C 82 3.28 -15.31 26.57
C LYS C 82 2.26 -14.55 27.41
N GLU C 83 2.72 -13.77 28.38
CA GLU C 83 1.80 -13.01 29.20
C GLU C 83 1.10 -11.98 28.34
N ILE C 84 1.86 -11.29 27.49
CA ILE C 84 1.27 -10.28 26.63
C ILE C 84 0.37 -10.90 25.57
N ALA C 85 0.82 -12.02 24.99
CA ALA C 85 0.06 -12.71 23.97
C ALA C 85 -1.30 -13.20 24.47
N ARG C 86 -1.30 -13.84 25.64
CA ARG C 86 -2.54 -14.38 26.20
C ARG C 86 -3.52 -13.25 26.54
N ALA C 87 -2.99 -12.13 27.00
CA ALA C 87 -3.82 -10.99 27.35
C ALA C 87 -4.47 -10.32 26.14
N VAL C 88 -3.71 -10.12 25.06
CA VAL C 88 -4.31 -9.46 23.89
C VAL C 88 -5.38 -10.33 23.27
N VAL C 89 -5.18 -11.65 23.30
CA VAL C 89 -6.15 -12.59 22.74
C VAL C 89 -7.39 -12.64 23.64
N GLU C 90 -7.17 -12.61 24.95
CA GLU C 90 -8.25 -12.64 25.92
C GLU C 90 -9.12 -11.39 25.80
N LYS C 91 -8.49 -10.23 25.61
CA LYS C 91 -9.21 -8.98 25.47
C LYS C 91 -9.74 -8.81 24.05
N ARG C 92 -9.53 -9.84 23.24
CA ARG C 92 -9.98 -9.84 21.85
C ARG C 92 -9.40 -8.70 21.03
N LEU C 93 -8.18 -8.29 21.35
CA LEU C 93 -7.51 -7.23 20.62
C LEU C 93 -6.74 -7.89 19.47
N ALA C 94 -6.80 -9.21 19.41
CA ALA C 94 -6.12 -9.97 18.37
C ALA C 94 -6.71 -11.36 18.28
N ALA C 95 -6.66 -11.97 17.09
CA ALA C 95 -7.17 -13.31 16.88
C ALA C 95 -6.14 -14.33 17.34
N CYS C 96 -4.89 -14.12 16.99
CA CYS C 96 -3.86 -15.05 17.42
C CYS C 96 -2.48 -14.46 17.38
N VAL C 97 -1.59 -15.09 18.10
CA VAL C 97 -0.22 -14.63 18.17
C VAL C 97 0.70 -15.80 17.97
N ASN C 98 1.71 -15.60 17.12
CA ASN C 98 2.71 -16.63 16.86
C ASN C 98 3.99 -16.19 17.55
N LEU C 99 4.53 -17.03 18.43
CA LEU C 99 5.76 -16.71 19.13
C LEU C 99 6.96 -17.36 18.48
N ILE C 100 7.95 -16.54 18.14
CA ILE C 100 9.20 -17.03 17.54
C ILE C 100 10.28 -16.90 18.62
N PRO C 101 10.73 -18.04 19.15
CA PRO C 101 11.75 -18.01 20.19
C PRO C 101 13.19 -17.86 19.70
N GLN C 102 14.09 -17.60 20.64
CA GLN C 102 15.51 -17.49 20.37
C GLN C 102 16.00 -16.51 19.31
N ILE C 103 15.48 -15.30 19.38
CA ILE C 103 15.88 -14.23 18.47
C ILE C 103 17.07 -13.46 19.04
N THR C 104 17.94 -12.99 18.16
CA THR C 104 19.07 -12.20 18.61
C THR C 104 18.84 -10.81 18.03
N SER C 105 18.70 -9.82 18.91
CA SER C 105 18.45 -8.46 18.49
C SER C 105 19.71 -7.61 18.54
N ILE C 106 20.03 -7.00 17.41
CA ILE C 106 21.21 -6.17 17.30
C ILE C 106 20.77 -4.76 17.01
N TYR C 107 21.10 -3.87 17.91
CA TYR C 107 20.72 -2.48 17.76
C TYR C 107 21.73 -1.62 18.48
N GLU C 108 21.62 -0.32 18.27
CA GLU C 108 22.56 0.60 18.87
C GLU C 108 21.90 1.33 20.04
N TRP C 109 22.72 1.71 21.00
CA TRP C 109 22.20 2.35 22.20
C TRP C 109 23.37 2.94 22.98
N LYS C 110 23.35 4.26 23.17
CA LYS C 110 24.44 4.90 23.90
C LYS C 110 25.75 4.70 23.14
N GLY C 111 25.69 4.84 21.82
CA GLY C 111 26.88 4.69 20.99
C GLY C 111 27.50 3.31 20.95
N LYS C 112 26.82 2.30 21.49
CA LYS C 112 27.36 0.95 21.47
C LYS C 112 26.38 -0.05 20.87
N ILE C 113 26.91 -1.12 20.28
CA ILE C 113 26.09 -2.14 19.66
C ILE C 113 25.72 -3.19 20.69
N GLU C 114 24.42 -3.39 20.88
CA GLU C 114 23.91 -4.38 21.83
C GLU C 114 23.40 -5.62 21.09
N GLU C 115 23.54 -6.76 21.76
CA GLU C 115 23.09 -8.04 21.23
C GLU C 115 22.33 -8.74 22.36
N ASP C 116 21.01 -8.68 22.31
CA ASP C 116 20.18 -9.30 23.34
C ASP C 116 19.43 -10.50 22.80
N SER C 117 19.12 -11.43 23.67
CA SER C 117 18.35 -12.61 23.27
C SER C 117 16.92 -12.16 23.50
N GLU C 118 16.02 -12.43 22.56
CA GLU C 118 14.65 -12.01 22.74
C GLU C 118 13.64 -12.92 22.07
N VAL C 119 12.37 -12.55 22.14
CA VAL C 119 11.30 -13.32 21.53
C VAL C 119 10.51 -12.39 20.61
N LEU C 120 10.19 -12.87 19.42
CA LEU C 120 9.44 -12.07 18.45
C LEU C 120 7.99 -12.54 18.37
N MET C 121 7.06 -11.59 18.42
CA MET C 121 5.64 -11.89 18.34
C MET C 121 5.05 -11.38 17.02
N MET C 122 4.28 -12.23 16.36
CA MET C 122 3.59 -11.88 15.12
C MET C 122 2.10 -11.93 15.49
N ILE C 123 1.46 -10.78 15.53
CA ILE C 123 0.05 -10.68 15.92
C ILE C 123 -0.86 -10.38 14.73
N LYS C 124 -1.94 -11.15 14.61
CA LYS C 124 -2.91 -10.96 13.53
C LYS C 124 -4.19 -10.37 14.10
N THR C 125 -4.55 -9.20 13.60
CA THR C 125 -5.75 -8.54 14.08
C THR C 125 -6.31 -7.63 13.00
N GLN C 126 -7.40 -6.97 13.32
CA GLN C 126 -8.02 -6.05 12.38
C GLN C 126 -7.15 -4.81 12.39
N SER C 127 -6.89 -4.25 11.21
CA SER C 127 -6.06 -3.05 11.11
C SER C 127 -6.64 -1.95 11.99
N SER C 128 -7.96 -1.91 12.10
CA SER C 128 -8.63 -0.90 12.90
C SER C 128 -8.35 -1.07 14.38
N LEU C 129 -7.83 -2.23 14.75
CA LEU C 129 -7.54 -2.51 16.15
C LEU C 129 -6.07 -2.28 16.54
N VAL C 130 -5.21 -2.04 15.55
CA VAL C 130 -3.80 -1.84 15.85
C VAL C 130 -3.55 -0.71 16.85
N PRO C 131 -4.25 0.43 16.71
CA PRO C 131 -3.99 1.50 17.68
C PRO C 131 -4.24 1.06 19.12
N ALA C 132 -5.36 0.38 19.36
CA ALA C 132 -5.71 -0.11 20.69
C ALA C 132 -4.75 -1.19 21.15
N LEU C 133 -4.38 -2.09 20.24
CA LEU C 133 -3.43 -3.15 20.54
C LEU C 133 -2.10 -2.53 20.97
N THR C 134 -1.71 -1.48 20.29
CA THR C 134 -0.45 -0.78 20.59
C THR C 134 -0.49 -0.08 21.95
N ASP C 135 -1.62 0.55 22.29
CA ASP C 135 -1.72 1.21 23.57
C ASP C 135 -1.63 0.18 24.70
N PHE C 136 -2.33 -0.93 24.53
CA PHE C 136 -2.31 -1.95 25.56
C PHE C 136 -0.92 -2.56 25.72
N VAL C 137 -0.27 -2.86 24.60
CA VAL C 137 1.06 -3.45 24.64
C VAL C 137 2.00 -2.48 25.34
N ARG C 138 1.88 -1.20 25.02
CA ARG C 138 2.73 -0.21 25.64
C ARG C 138 2.48 -0.06 27.14
N SER C 139 1.29 -0.44 27.60
CA SER C 139 0.94 -0.32 29.00
C SER C 139 1.37 -1.51 29.86
N VAL C 140 1.62 -2.66 29.22
CA VAL C 140 2.02 -3.85 29.97
C VAL C 140 3.40 -4.35 29.59
N HIS C 141 4.02 -3.69 28.61
CA HIS C 141 5.33 -4.10 28.14
C HIS C 141 6.41 -3.63 29.09
N PRO C 142 7.38 -4.50 29.37
CA PRO C 142 8.49 -4.20 30.28
C PRO C 142 9.49 -3.12 29.84
N TYR C 143 9.59 -2.86 28.53
CA TYR C 143 10.54 -1.82 28.09
C TYR C 143 9.85 -0.46 28.09
N GLU C 144 10.66 0.59 28.17
CA GLU C 144 10.13 1.95 28.17
C GLU C 144 9.53 2.23 26.80
N VAL C 145 10.25 1.87 25.75
CA VAL C 145 9.80 2.08 24.38
C VAL C 145 9.68 0.74 23.66
N ALA C 146 8.48 0.16 23.68
CA ALA C 146 8.25 -1.13 23.04
C ALA C 146 8.23 -1.08 21.52
N GLU C 147 8.69 -2.16 20.91
CA GLU C 147 8.68 -2.26 19.46
C GLU C 147 7.35 -2.84 19.00
N VAL C 148 6.63 -2.07 18.20
CA VAL C 148 5.35 -2.52 17.66
C VAL C 148 5.24 -1.89 16.29
N ILE C 149 5.23 -2.74 15.26
CA ILE C 149 5.12 -2.30 13.89
C ILE C 149 4.08 -3.19 13.23
N ALA C 150 3.19 -2.59 12.45
CA ALA C 150 2.14 -3.35 11.78
C ALA C 150 2.20 -3.21 10.26
N LEU C 151 1.92 -4.31 9.59
CA LEU C 151 1.93 -4.35 8.14
C LEU C 151 0.61 -4.91 7.63
N PRO C 152 0.01 -4.24 6.64
CA PRO C 152 -1.28 -4.64 6.06
C PRO C 152 -1.26 -5.94 5.26
N VAL C 153 -2.30 -6.73 5.42
CA VAL C 153 -2.45 -7.98 4.68
C VAL C 153 -3.31 -7.66 3.45
N GLU C 154 -2.75 -7.85 2.26
CA GLU C 154 -3.47 -7.57 1.03
C GLU C 154 -4.27 -8.75 0.48
N GLN C 155 -3.80 -9.96 0.72
CA GLN C 155 -4.46 -11.17 0.26
C GLN C 155 -4.32 -12.29 1.28
N GLY C 156 -4.92 -13.42 0.98
CA GLY C 156 -4.85 -14.56 1.87
C GLY C 156 -6.05 -15.47 1.74
N ASN C 157 -6.19 -16.39 2.68
CA ASN C 157 -7.30 -17.32 2.69
C ASN C 157 -8.49 -16.60 3.33
N PHE C 158 -9.48 -16.23 2.51
CA PHE C 158 -10.64 -15.51 3.00
C PHE C 158 -11.26 -16.02 4.29
N PRO C 159 -11.49 -17.34 4.40
CA PRO C 159 -12.08 -17.89 5.63
C PRO C 159 -11.24 -17.61 6.89
N TYR C 160 -9.92 -17.58 6.73
CA TYR C 160 -9.06 -17.30 7.87
C TYR C 160 -9.16 -15.82 8.20
N LEU C 161 -9.09 -15.00 7.16
CA LEU C 161 -9.17 -13.56 7.32
C LEU C 161 -10.50 -13.14 7.96
N GLN C 162 -11.60 -13.73 7.50
CA GLN C 162 -12.91 -13.43 8.07
C GLN C 162 -12.97 -13.86 9.54
N TRP C 163 -12.35 -14.99 9.85
CA TRP C 163 -12.30 -15.47 11.23
C TRP C 163 -11.60 -14.44 12.13
N VAL C 164 -10.48 -13.89 11.62
CA VAL C 164 -9.74 -12.89 12.38
C VAL C 164 -10.66 -11.71 12.71
N ARG C 165 -11.46 -11.28 11.75
CA ARG C 165 -12.38 -10.17 11.95
C ARG C 165 -13.48 -10.55 12.96
N GLN C 166 -13.98 -11.77 12.82
CA GLN C 166 -15.04 -12.25 13.71
C GLN C 166 -14.66 -12.35 15.19
N VAL C 167 -13.52 -12.92 15.51
CA VAL C 167 -13.13 -13.06 16.90
C VAL C 167 -12.58 -11.79 17.54
N THR C 168 -12.45 -10.72 16.76
CA THR C 168 -11.96 -9.46 17.33
C THR C 168 -13.04 -8.39 17.35
N GLY D 62 -10.39 -13.68 -8.10
CA GLY D 62 -11.13 -12.41 -8.30
C GLY D 62 -10.22 -11.30 -8.82
N TYR D 63 -9.72 -10.47 -7.92
CA TYR D 63 -8.85 -9.37 -8.30
C TYR D 63 -7.67 -9.28 -7.36
N VAL D 64 -6.47 -9.23 -7.93
CA VAL D 64 -5.26 -9.12 -7.13
C VAL D 64 -5.02 -7.62 -6.87
N PRO D 65 -5.12 -7.22 -5.60
CA PRO D 65 -4.92 -5.81 -5.22
C PRO D 65 -3.62 -5.22 -5.75
N GLY D 66 -3.71 -4.04 -6.35
CA GLY D 66 -2.53 -3.39 -6.87
C GLY D 66 -2.05 -3.87 -8.22
N SER D 67 -2.76 -4.79 -8.87
CA SER D 67 -2.33 -5.30 -10.17
C SER D 67 -2.69 -4.29 -11.26
N VAL D 68 -3.64 -3.41 -10.95
CA VAL D 68 -4.05 -2.36 -11.87
C VAL D 68 -3.75 -1.03 -11.19
N SER D 69 -3.36 -0.03 -11.98
CA SER D 69 -3.07 1.28 -11.44
C SER D 69 -3.75 2.37 -12.24
N ALA D 70 -3.90 3.53 -11.62
CA ALA D 70 -4.47 4.68 -12.28
C ALA D 70 -3.30 5.63 -12.34
N ALA D 71 -2.88 6.00 -13.55
CA ALA D 71 -1.76 6.90 -13.73
C ALA D 71 -2.27 8.30 -14.11
N PHE D 72 -1.59 9.31 -13.62
CA PHE D 72 -1.96 10.69 -13.93
C PHE D 72 -0.84 11.32 -14.73
N VAL D 73 -1.22 11.99 -15.81
CA VAL D 73 -0.28 12.66 -16.69
C VAL D 73 -0.85 14.02 -17.08
N THR D 74 -0.04 15.06 -16.91
CA THR D 74 -0.44 16.42 -17.24
C THR D 74 0.09 16.84 -18.61
N CYS D 75 -0.79 17.37 -19.46
CA CYS D 75 -0.42 17.82 -20.80
C CYS D 75 -0.68 19.31 -21.03
N PRO D 76 0.05 19.92 -21.97
CA PRO D 76 -0.04 21.33 -22.36
C PRO D 76 -1.45 21.75 -22.78
N ASN D 77 -2.13 20.90 -23.54
CA ASN D 77 -3.50 21.17 -23.97
C ASN D 77 -4.22 19.91 -24.44
N GLU D 78 -5.51 20.06 -24.76
CA GLU D 78 -6.33 18.94 -25.20
C GLU D 78 -5.81 18.22 -26.43
N LYS D 79 -5.39 19.00 -27.42
CA LYS D 79 -4.89 18.45 -28.67
C LYS D 79 -3.78 17.44 -28.43
N VAL D 80 -2.80 17.83 -27.62
CA VAL D 80 -1.68 16.95 -27.30
C VAL D 80 -2.14 15.78 -26.45
N ALA D 81 -2.91 16.09 -25.41
CA ALA D 81 -3.42 15.07 -24.51
C ALA D 81 -4.13 13.98 -25.29
N LYS D 82 -4.96 14.40 -26.24
CA LYS D 82 -5.72 13.46 -27.05
C LYS D 82 -4.84 12.62 -27.97
N GLU D 83 -3.75 13.21 -28.47
CA GLU D 83 -2.85 12.45 -29.35
C GLU D 83 -2.17 11.34 -28.55
N ILE D 84 -1.68 11.67 -27.36
CA ILE D 84 -1.03 10.70 -26.51
C ILE D 84 -1.99 9.61 -26.03
N ALA D 85 -3.24 10.00 -25.78
CA ALA D 85 -4.26 9.05 -25.31
C ALA D 85 -4.57 7.97 -26.34
N ARG D 86 -4.72 8.38 -27.60
CA ARG D 86 -5.01 7.44 -28.69
C ARG D 86 -3.81 6.54 -28.93
N ALA D 87 -2.62 7.11 -28.89
CA ALA D 87 -1.41 6.34 -29.10
C ALA D 87 -1.26 5.28 -28.02
N VAL D 88 -1.48 5.68 -26.77
CA VAL D 88 -1.39 4.76 -25.63
C VAL D 88 -2.41 3.62 -25.68
N VAL D 89 -3.66 3.92 -26.04
CA VAL D 89 -4.68 2.88 -26.11
C VAL D 89 -4.44 1.98 -27.32
N GLU D 90 -4.01 2.60 -28.42
CA GLU D 90 -3.73 1.85 -29.64
C GLU D 90 -2.52 0.96 -29.44
N LYS D 91 -1.54 1.43 -28.67
CA LYS D 91 -0.34 0.65 -28.41
C LYS D 91 -0.57 -0.38 -27.30
N ARG D 92 -1.80 -0.40 -26.79
CA ARG D 92 -2.20 -1.33 -25.72
C ARG D 92 -1.44 -1.13 -24.41
N LEU D 93 -0.86 0.04 -24.22
CA LEU D 93 -0.13 0.35 -23.00
C LEU D 93 -1.15 0.74 -21.91
N ALA D 94 -2.40 0.94 -22.33
CA ALA D 94 -3.46 1.30 -21.40
C ALA D 94 -4.81 0.89 -21.98
N ALA D 95 -5.74 0.58 -21.10
CA ALA D 95 -7.07 0.17 -21.52
C ALA D 95 -7.97 1.35 -21.76
N CYS D 96 -7.86 2.35 -20.90
CA CYS D 96 -8.72 3.53 -21.00
C CYS D 96 -8.02 4.78 -20.50
N VAL D 97 -8.43 5.92 -21.03
CA VAL D 97 -7.86 7.20 -20.64
C VAL D 97 -8.99 8.23 -20.50
N ASN D 98 -8.99 8.94 -19.39
CA ASN D 98 -9.99 9.98 -19.12
C ASN D 98 -9.27 11.32 -19.17
N LEU D 99 -9.72 12.22 -20.02
CA LEU D 99 -9.11 13.54 -20.14
C LEU D 99 -9.94 14.57 -19.40
N ILE D 100 -9.29 15.31 -18.51
CA ILE D 100 -9.95 16.34 -17.72
C ILE D 100 -9.35 17.67 -18.17
N PRO D 101 -10.15 18.50 -18.86
CA PRO D 101 -9.72 19.81 -19.35
C PRO D 101 -9.87 20.94 -18.34
N GLN D 102 -9.47 22.13 -18.76
CA GLN D 102 -9.58 23.32 -17.92
C GLN D 102 -8.80 23.31 -16.62
N ILE D 103 -7.72 22.55 -16.56
CA ILE D 103 -6.93 22.54 -15.34
C ILE D 103 -5.99 23.75 -15.31
N THR D 104 -5.75 24.28 -14.13
CA THR D 104 -4.84 25.40 -13.95
C THR D 104 -3.75 24.89 -13.01
N SER D 105 -2.52 24.86 -13.50
CA SER D 105 -1.41 24.39 -12.71
C SER D 105 -0.65 25.53 -12.05
N ILE D 106 -0.26 25.33 -10.80
CA ILE D 106 0.47 26.33 -10.04
C ILE D 106 1.72 25.68 -9.47
N TYR D 107 2.84 26.34 -9.65
CA TYR D 107 4.13 25.86 -9.17
C TYR D 107 5.11 27.02 -9.17
N GLU D 108 6.28 26.81 -8.57
CA GLU D 108 7.27 27.88 -8.58
C GLU D 108 8.40 27.62 -9.56
N TRP D 109 8.82 28.69 -10.22
CA TRP D 109 9.91 28.65 -11.18
C TRP D 109 10.69 29.94 -11.02
N LYS D 110 12.01 29.82 -10.86
CA LYS D 110 12.86 30.99 -10.70
C LYS D 110 12.30 31.95 -9.65
N GLY D 111 12.06 31.42 -8.46
CA GLY D 111 11.54 32.23 -7.36
C GLY D 111 10.16 32.84 -7.54
N LYS D 112 9.50 32.52 -8.64
CA LYS D 112 8.16 33.06 -8.88
C LYS D 112 7.10 31.97 -8.99
N ILE D 113 5.85 32.34 -8.72
CA ILE D 113 4.74 31.41 -8.82
C ILE D 113 4.15 31.46 -10.24
N GLU D 114 4.34 30.39 -11.02
CA GLU D 114 3.80 30.29 -12.39
C GLU D 114 2.44 29.62 -12.41
N GLU D 115 1.52 30.18 -13.19
CA GLU D 115 0.18 29.62 -13.34
C GLU D 115 0.01 29.25 -14.81
N ASP D 116 -0.34 28.01 -15.07
CA ASP D 116 -0.51 27.57 -16.45
C ASP D 116 -1.77 26.77 -16.70
N SER D 117 -2.14 26.68 -17.96
CA SER D 117 -3.31 25.92 -18.36
C SER D 117 -2.78 24.58 -18.82
N GLU D 118 -3.51 23.53 -18.51
CA GLU D 118 -3.10 22.19 -18.90
C GLU D 118 -4.30 21.28 -18.93
N VAL D 119 -4.03 20.02 -19.26
CA VAL D 119 -5.04 18.98 -19.30
C VAL D 119 -4.51 17.81 -18.50
N LEU D 120 -5.37 17.25 -17.66
CA LEU D 120 -4.97 16.12 -16.83
C LEU D 120 -5.49 14.84 -17.43
N MET D 121 -4.61 13.84 -17.54
CA MET D 121 -5.01 12.54 -18.09
C MET D 121 -5.00 11.50 -16.98
N MET D 122 -6.11 10.75 -16.86
CA MET D 122 -6.19 9.69 -15.87
C MET D 122 -6.18 8.40 -16.70
N ILE D 123 -5.10 7.63 -16.55
CA ILE D 123 -4.92 6.41 -17.32
C ILE D 123 -5.05 5.11 -16.52
N LYS D 124 -5.89 4.19 -17.00
CA LYS D 124 -6.05 2.91 -16.32
C LYS D 124 -5.30 1.82 -17.08
N THR D 125 -4.40 1.13 -16.37
CA THR D 125 -3.62 0.07 -16.99
C THR D 125 -3.09 -0.88 -15.94
N GLN D 126 -2.42 -1.94 -16.38
CA GLN D 126 -1.83 -2.89 -15.46
C GLN D 126 -0.64 -2.18 -14.82
N SER D 127 -0.43 -2.42 -13.53
CA SER D 127 0.68 -1.80 -12.82
C SER D 127 2.01 -2.15 -13.48
N SER D 128 2.12 -3.38 -13.95
CA SER D 128 3.35 -3.85 -14.60
C SER D 128 3.65 -3.12 -15.90
N LEU D 129 2.70 -2.34 -16.39
CA LEU D 129 2.90 -1.61 -17.63
C LEU D 129 3.25 -0.14 -17.41
N VAL D 130 3.15 0.33 -16.18
CA VAL D 130 3.44 1.72 -15.91
C VAL D 130 4.83 2.13 -16.40
N PRO D 131 5.86 1.30 -16.15
CA PRO D 131 7.19 1.68 -16.63
C PRO D 131 7.21 1.88 -18.15
N ALA D 132 6.54 1.00 -18.89
CA ALA D 132 6.49 1.10 -20.35
C ALA D 132 5.68 2.33 -20.73
N LEU D 133 4.56 2.54 -20.04
CA LEU D 133 3.69 3.68 -20.30
C LEU D 133 4.46 4.97 -20.05
N THR D 134 5.29 4.96 -19.01
CA THR D 134 6.07 6.13 -18.67
C THR D 134 7.14 6.41 -19.72
N ASP D 135 7.76 5.35 -20.22
CA ASP D 135 8.77 5.51 -21.26
C ASP D 135 8.15 6.13 -22.50
N PHE D 136 6.93 5.69 -22.84
CA PHE D 136 6.26 6.20 -24.01
C PHE D 136 5.91 7.69 -23.94
N VAL D 137 5.28 8.13 -22.86
CA VAL D 137 4.93 9.54 -22.77
C VAL D 137 6.20 10.38 -22.75
N ARG D 138 7.26 9.81 -22.19
CA ARG D 138 8.54 10.51 -22.13
C ARG D 138 9.07 10.75 -23.55
N SER D 139 8.80 9.80 -24.46
CA SER D 139 9.25 9.93 -25.83
C SER D 139 8.47 10.92 -26.68
N VAL D 140 7.24 11.25 -26.27
CA VAL D 140 6.42 12.19 -27.02
C VAL D 140 6.51 13.59 -26.43
N HIS D 141 7.18 13.65 -25.28
CA HIS D 141 7.45 14.88 -24.55
C HIS D 141 6.47 16.05 -24.49
N PRO D 142 5.39 15.91 -23.72
CA PRO D 142 4.44 17.03 -23.61
C PRO D 142 5.29 18.14 -23.00
N TYR D 143 6.26 17.70 -22.19
CA TYR D 143 7.22 18.56 -21.51
C TYR D 143 8.60 17.92 -21.47
N GLU D 144 9.58 18.72 -21.06
CA GLU D 144 10.96 18.28 -20.94
C GLU D 144 11.03 17.13 -19.91
N VAL D 145 10.32 17.28 -18.80
CA VAL D 145 10.24 16.27 -17.75
C VAL D 145 8.76 16.02 -17.52
N ALA D 146 8.22 14.99 -18.15
CA ALA D 146 6.81 14.70 -18.03
C ALA D 146 6.38 14.32 -16.62
N GLU D 147 5.21 14.78 -16.23
CA GLU D 147 4.65 14.45 -14.94
C GLU D 147 3.88 13.16 -15.13
N VAL D 148 4.34 12.11 -14.47
CA VAL D 148 3.65 10.83 -14.55
C VAL D 148 3.69 10.17 -13.18
N ILE D 149 2.52 9.95 -12.60
CA ILE D 149 2.43 9.31 -11.30
C ILE D 149 1.39 8.20 -11.36
N ALA D 150 1.67 7.08 -10.71
CA ALA D 150 0.76 5.95 -10.71
C ALA D 150 0.32 5.61 -9.30
N LEU D 151 -1.00 5.47 -9.12
CA LEU D 151 -1.60 5.12 -7.84
C LEU D 151 -2.22 3.74 -7.97
N PRO D 152 -1.99 2.85 -6.98
CA PRO D 152 -2.53 1.50 -7.04
C PRO D 152 -4.02 1.33 -6.72
N VAL D 153 -4.69 0.52 -7.54
CA VAL D 153 -6.11 0.22 -7.35
C VAL D 153 -6.17 -1.00 -6.43
N GLU D 154 -6.82 -0.83 -5.27
CA GLU D 154 -6.95 -1.92 -4.31
C GLU D 154 -8.23 -2.70 -4.52
N GLN D 155 -9.31 -1.98 -4.84
CA GLN D 155 -10.61 -2.58 -5.06
C GLN D 155 -11.32 -1.96 -6.27
N GLY D 156 -12.47 -2.52 -6.61
CA GLY D 156 -13.25 -2.01 -7.72
C GLY D 156 -14.13 -3.08 -8.32
N ASN D 157 -14.71 -2.77 -9.48
CA ASN D 157 -15.59 -3.70 -10.17
C ASN D 157 -14.70 -4.74 -10.86
N PHE D 158 -14.69 -5.96 -10.31
CA PHE D 158 -13.86 -7.03 -10.85
C PHE D 158 -14.03 -7.26 -12.35
N PRO D 159 -15.27 -7.17 -12.86
CA PRO D 159 -15.45 -7.38 -14.30
C PRO D 159 -14.68 -6.33 -15.11
N TYR D 160 -14.63 -5.10 -14.59
CA TYR D 160 -13.93 -4.02 -15.26
C TYR D 160 -12.41 -4.12 -15.11
N LEU D 161 -11.95 -4.52 -13.94
CA LEU D 161 -10.51 -4.65 -13.71
C LEU D 161 -9.94 -5.77 -14.56
N GLN D 162 -10.74 -6.81 -14.76
CA GLN D 162 -10.37 -7.95 -15.58
C GLN D 162 -10.30 -7.47 -17.04
N TRP D 163 -11.28 -6.66 -17.44
CA TRP D 163 -11.30 -6.12 -18.80
C TRP D 163 -10.01 -5.33 -19.05
N VAL D 164 -9.65 -4.48 -18.09
CA VAL D 164 -8.44 -3.66 -18.19
C VAL D 164 -7.21 -4.55 -18.42
N ARG D 165 -7.16 -5.68 -17.72
CA ARG D 165 -6.05 -6.62 -17.84
C ARG D 165 -6.02 -7.26 -19.24
N GLN D 166 -7.17 -7.72 -19.70
CA GLN D 166 -7.26 -8.37 -21.01
C GLN D 166 -6.91 -7.49 -22.21
N VAL D 167 -7.35 -6.23 -22.24
CA VAL D 167 -7.02 -5.39 -23.38
C VAL D 167 -5.62 -4.79 -23.35
N THR D 168 -4.81 -5.18 -22.36
CA THR D 168 -3.44 -4.68 -22.27
C THR D 168 -2.43 -5.83 -22.29
N GLY E 62 -7.22 9.21 15.96
CA GLY E 62 -6.13 8.82 15.00
C GLY E 62 -6.61 8.02 13.81
N TYR E 63 -6.24 8.46 12.62
CA TYR E 63 -6.65 7.78 11.39
C TYR E 63 -5.91 6.47 11.13
N VAL E 64 -6.67 5.44 10.79
CA VAL E 64 -6.09 4.14 10.46
C VAL E 64 -5.84 4.21 8.95
N PRO E 65 -4.57 4.16 8.53
CA PRO E 65 -4.26 4.22 7.09
C PRO E 65 -5.00 3.20 6.26
N GLY E 66 -5.61 3.65 5.17
CA GLY E 66 -6.34 2.76 4.30
C GLY E 66 -7.76 2.42 4.70
N SER E 67 -8.22 2.94 5.84
CA SER E 67 -9.59 2.66 6.29
C SER E 67 -10.63 3.43 5.45
N VAL E 68 -10.19 4.51 4.81
CA VAL E 68 -11.05 5.30 3.94
C VAL E 68 -10.47 5.14 2.55
N SER E 69 -11.31 5.23 1.54
CA SER E 69 -10.86 5.05 0.18
C SER E 69 -11.55 6.00 -0.78
N ALA E 70 -10.90 6.29 -1.90
CA ALA E 70 -11.46 7.18 -2.91
C ALA E 70 -11.79 6.30 -4.11
N ALA E 71 -13.06 6.31 -4.51
CA ALA E 71 -13.49 5.52 -5.64
C ALA E 71 -13.84 6.39 -6.85
N PHE E 72 -13.40 5.97 -8.03
CA PHE E 72 -13.69 6.71 -9.25
C PHE E 72 -14.66 5.91 -10.09
N VAL E 73 -15.69 6.59 -10.58
CA VAL E 73 -16.73 5.99 -11.39
C VAL E 73 -17.02 6.93 -12.56
N THR E 74 -17.01 6.40 -13.77
CA THR E 74 -17.28 7.23 -14.93
C THR E 74 -18.72 6.97 -15.39
N CYS E 75 -19.45 8.06 -15.65
CA CYS E 75 -20.83 7.98 -16.11
C CYS E 75 -21.00 8.65 -17.46
N PRO E 76 -21.99 8.20 -18.25
CA PRO E 76 -22.28 8.73 -19.59
C PRO E 76 -22.68 10.20 -19.64
N ASN E 77 -23.36 10.68 -18.60
CA ASN E 77 -23.78 12.07 -18.57
C ASN E 77 -24.09 12.55 -17.17
N GLU E 78 -24.22 13.85 -17.01
CA GLU E 78 -24.47 14.45 -15.70
C GLU E 78 -25.76 14.02 -15.02
N LYS E 79 -26.79 13.69 -15.80
CA LYS E 79 -28.07 13.28 -15.22
C LYS E 79 -27.95 11.95 -14.49
N VAL E 80 -27.33 10.98 -15.16
CA VAL E 80 -27.13 9.66 -14.58
C VAL E 80 -26.16 9.76 -13.40
N ALA E 81 -25.11 10.56 -13.58
CA ALA E 81 -24.10 10.74 -12.54
C ALA E 81 -24.74 11.24 -11.25
N LYS E 82 -25.52 12.32 -11.34
CA LYS E 82 -26.16 12.89 -10.16
C LYS E 82 -27.16 11.93 -9.53
N GLU E 83 -27.84 11.14 -10.35
CA GLU E 83 -28.82 10.19 -9.83
C GLU E 83 -28.11 9.14 -8.97
N ILE E 84 -27.02 8.58 -9.50
CA ILE E 84 -26.23 7.58 -8.78
C ILE E 84 -25.58 8.18 -7.55
N ALA E 85 -25.11 9.42 -7.67
CA ALA E 85 -24.47 10.10 -6.58
C ALA E 85 -25.42 10.34 -5.41
N ARG E 86 -26.63 10.80 -5.74
CA ARG E 86 -27.63 11.07 -4.71
C ARG E 86 -28.05 9.79 -4.00
N ALA E 87 -28.30 8.72 -4.75
CA ALA E 87 -28.69 7.45 -4.18
C ALA E 87 -27.62 6.91 -3.24
N VAL E 88 -26.37 6.95 -3.70
CA VAL E 88 -25.25 6.46 -2.92
C VAL E 88 -25.11 7.13 -1.56
N VAL E 89 -25.22 8.45 -1.50
CA VAL E 89 -25.09 9.12 -0.21
C VAL E 89 -26.36 8.91 0.61
N GLU E 90 -27.50 8.79 -0.06
CA GLU E 90 -28.76 8.58 0.62
C GLU E 90 -28.69 7.26 1.40
N LYS E 91 -28.29 6.19 0.71
CA LYS E 91 -28.17 4.87 1.32
C LYS E 91 -26.95 4.82 2.25
N ARG E 92 -26.24 5.93 2.34
CA ARG E 92 -25.06 5.99 3.19
C ARG E 92 -23.95 5.02 2.75
N LEU E 93 -23.87 4.78 1.45
CA LEU E 93 -22.83 3.91 0.92
C LEU E 93 -21.57 4.76 0.76
N ALA E 94 -21.72 6.07 0.88
CA ALA E 94 -20.60 6.99 0.76
C ALA E 94 -20.91 8.30 1.47
N ALA E 95 -19.86 8.99 1.89
CA ALA E 95 -19.98 10.26 2.60
C ALA E 95 -20.25 11.41 1.64
N CYS E 96 -19.51 11.46 0.54
CA CYS E 96 -19.70 12.52 -0.43
C CYS E 96 -19.17 12.10 -1.79
N VAL E 97 -19.73 12.72 -2.82
CA VAL E 97 -19.34 12.45 -4.19
C VAL E 97 -19.01 13.77 -4.88
N ASN E 98 -17.89 13.77 -5.61
CA ASN E 98 -17.46 14.94 -6.35
C ASN E 98 -17.65 14.60 -7.81
N LEU E 99 -18.43 15.39 -8.54
CA LEU E 99 -18.65 15.12 -9.95
C LEU E 99 -17.79 16.04 -10.81
N ILE E 100 -17.02 15.45 -11.73
CA ILE E 100 -16.17 16.22 -12.62
C ILE E 100 -16.73 16.09 -14.03
N PRO E 101 -17.23 17.20 -14.60
CA PRO E 101 -17.81 17.22 -15.95
C PRO E 101 -16.80 17.49 -17.07
N GLN E 102 -17.26 17.31 -18.31
CA GLN E 102 -16.45 17.56 -19.49
C GLN E 102 -15.29 16.59 -19.69
N ILE E 103 -15.46 15.36 -19.24
CA ILE E 103 -14.42 14.36 -19.38
C ILE E 103 -14.53 13.68 -20.75
N THR E 104 -13.40 13.44 -21.39
CA THR E 104 -13.43 12.73 -22.66
C THR E 104 -12.75 11.39 -22.41
N SER E 105 -13.48 10.31 -22.61
CA SER E 105 -12.94 8.98 -22.40
C SER E 105 -12.48 8.37 -23.73
N ILE E 106 -11.21 7.99 -23.77
CA ILE E 106 -10.66 7.39 -24.97
C ILE E 106 -10.35 5.93 -24.67
N TYR E 107 -10.85 5.06 -25.54
CA TYR E 107 -10.64 3.63 -25.39
C TYR E 107 -10.91 2.95 -26.72
N GLU E 108 -10.35 1.76 -26.90
CA GLU E 108 -10.51 1.03 -28.15
C GLU E 108 -11.55 -0.06 -27.99
N TRP E 109 -12.31 -0.31 -29.06
CA TRP E 109 -13.34 -1.34 -29.04
C TRP E 109 -13.47 -2.02 -30.40
N LYS E 110 -13.01 -3.26 -30.47
CA LYS E 110 -13.09 -4.04 -31.69
C LYS E 110 -12.34 -3.47 -32.91
N GLY E 111 -11.37 -2.59 -32.69
CA GLY E 111 -10.64 -2.06 -33.83
C GLY E 111 -10.38 -0.56 -33.89
N LYS E 112 -11.46 0.22 -33.89
CA LYS E 112 -11.32 1.67 -33.96
C LYS E 112 -11.40 2.30 -32.57
N ILE E 113 -10.55 3.30 -32.34
CA ILE E 113 -10.49 3.99 -31.06
C ILE E 113 -11.73 4.83 -30.80
N GLU E 114 -12.45 4.50 -29.74
CA GLU E 114 -13.66 5.23 -29.36
C GLU E 114 -13.31 6.48 -28.55
N GLU E 115 -14.18 7.45 -28.59
CA GLU E 115 -13.95 8.70 -27.87
C GLU E 115 -15.30 9.27 -27.39
N ASP E 116 -15.61 9.07 -26.10
CA ASP E 116 -16.87 9.55 -25.55
C ASP E 116 -16.79 10.65 -24.51
N SER E 117 -17.87 11.41 -24.43
CA SER E 117 -18.01 12.52 -23.48
C SER E 117 -18.64 11.91 -22.24
N GLU E 118 -18.08 12.21 -21.07
CA GLU E 118 -18.61 11.64 -19.84
C GLU E 118 -18.40 12.50 -18.61
N VAL E 119 -18.88 11.99 -17.48
CA VAL E 119 -18.75 12.66 -16.18
C VAL E 119 -18.01 11.70 -15.24
N LEU E 120 -17.03 12.23 -14.51
CA LEU E 120 -16.24 11.43 -13.59
C LEU E 120 -16.66 11.67 -12.15
N MET E 121 -16.96 10.59 -11.44
CA MET E 121 -17.37 10.66 -10.03
C MET E 121 -16.23 10.25 -9.09
N MET E 122 -15.97 11.06 -8.06
CA MET E 122 -14.97 10.73 -7.07
C MET E 122 -15.77 10.58 -5.77
N ILE E 123 -15.85 9.34 -5.30
CA ILE E 123 -16.62 9.00 -4.11
C ILE E 123 -15.72 8.69 -2.91
N LYS E 124 -16.00 9.34 -1.78
CA LYS E 124 -15.23 9.07 -0.56
C LYS E 124 -16.06 8.22 0.37
N THR E 125 -15.50 7.10 0.80
CA THR E 125 -16.23 6.24 1.69
C THR E 125 -15.29 5.31 2.44
N GLN E 126 -15.84 4.50 3.35
CA GLN E 126 -15.03 3.56 4.11
C GLN E 126 -14.58 2.47 3.15
N SER E 127 -13.33 2.03 3.27
CA SER E 127 -12.84 0.99 2.37
C SER E 127 -13.68 -0.27 2.47
N SER E 128 -14.16 -0.57 3.67
CA SER E 128 -14.98 -1.76 3.89
C SER E 128 -16.34 -1.66 3.19
N LEU E 129 -16.73 -0.47 2.76
CA LEU E 129 -18.00 -0.28 2.07
C LEU E 129 -17.88 -0.34 0.54
N VAL E 130 -16.67 -0.30 0.01
CA VAL E 130 -16.49 -0.33 -1.45
C VAL E 130 -17.16 -1.53 -2.13
N PRO E 131 -17.12 -2.73 -1.49
CA PRO E 131 -17.77 -3.87 -2.15
C PRO E 131 -19.28 -3.63 -2.34
N ALA E 132 -19.94 -3.13 -1.31
CA ALA E 132 -21.37 -2.85 -1.37
C ALA E 132 -21.64 -1.69 -2.34
N LEU E 133 -20.78 -0.68 -2.32
CA LEU E 133 -20.91 0.48 -3.21
C LEU E 133 -20.76 0.03 -4.67
N THR E 134 -19.79 -0.84 -4.94
CA THR E 134 -19.58 -1.32 -6.29
C THR E 134 -20.82 -2.10 -6.75
N ASP E 135 -21.35 -2.96 -5.88
CA ASP E 135 -22.52 -3.75 -6.22
C ASP E 135 -23.71 -2.86 -6.53
N PHE E 136 -23.92 -1.82 -5.73
CA PHE E 136 -25.04 -0.93 -5.99
C PHE E 136 -24.86 -0.23 -7.32
N VAL E 137 -23.75 0.48 -7.46
CA VAL E 137 -23.47 1.20 -8.70
C VAL E 137 -23.68 0.28 -9.90
N ARG E 138 -23.17 -0.93 -9.81
CA ARG E 138 -23.31 -1.90 -10.89
C ARG E 138 -24.78 -2.22 -11.20
N SER E 139 -25.61 -2.29 -10.17
CA SER E 139 -27.01 -2.61 -10.33
C SER E 139 -27.87 -1.50 -10.95
N VAL E 140 -27.36 -0.27 -10.99
CA VAL E 140 -28.14 0.83 -11.56
C VAL E 140 -27.43 1.61 -12.66
N HIS E 141 -26.20 1.24 -12.97
CA HIS E 141 -25.43 1.92 -14.01
C HIS E 141 -25.89 1.43 -15.39
N PRO E 142 -25.96 2.34 -16.37
CA PRO E 142 -26.38 2.00 -17.72
C PRO E 142 -25.49 1.00 -18.46
N TYR E 143 -24.17 1.12 -18.33
CA TYR E 143 -23.27 0.19 -19.01
C TYR E 143 -23.38 -1.15 -18.30
N GLU E 144 -23.15 -2.24 -19.03
CA GLU E 144 -23.24 -3.56 -18.42
C GLU E 144 -21.93 -3.94 -17.74
N VAL E 145 -20.95 -3.04 -17.85
CA VAL E 145 -19.64 -3.22 -17.23
C VAL E 145 -19.13 -1.84 -16.83
N ALA E 146 -19.58 -1.36 -15.67
CA ALA E 146 -19.21 -0.04 -15.18
C ALA E 146 -17.78 0.06 -14.63
N GLU E 147 -17.20 1.25 -14.75
CA GLU E 147 -15.86 1.50 -14.27
C GLU E 147 -15.87 1.97 -12.82
N VAL E 148 -15.44 1.09 -11.93
CA VAL E 148 -15.36 1.40 -10.51
C VAL E 148 -13.98 0.96 -10.03
N ILE E 149 -13.17 1.92 -9.60
CA ILE E 149 -11.85 1.61 -9.08
C ILE E 149 -11.71 2.37 -7.78
N ALA E 150 -11.06 1.76 -6.79
CA ALA E 150 -10.89 2.43 -5.51
C ALA E 150 -9.43 2.50 -5.08
N LEU E 151 -9.04 3.68 -4.60
CA LEU E 151 -7.69 3.96 -4.12
C LEU E 151 -7.75 4.19 -2.62
N PRO E 152 -6.85 3.55 -1.86
CA PRO E 152 -6.90 3.76 -0.42
C PRO E 152 -6.23 5.08 -0.02
N VAL E 153 -6.81 5.75 0.97
CA VAL E 153 -6.28 7.01 1.47
C VAL E 153 -5.36 6.68 2.64
N GLU E 154 -4.11 7.12 2.55
CA GLU E 154 -3.14 6.84 3.60
C GLU E 154 -3.03 7.91 4.67
N GLN E 155 -3.19 9.17 4.29
CA GLN E 155 -3.11 10.30 5.22
C GLN E 155 -4.17 11.33 4.83
N GLY E 156 -4.32 12.37 5.65
CA GLY E 156 -5.29 13.41 5.35
C GLY E 156 -5.74 14.15 6.60
N ASN E 157 -6.83 14.92 6.47
CA ASN E 157 -7.34 15.67 7.61
C ASN E 157 -8.17 14.74 8.50
N PHE E 158 -7.62 14.38 9.66
CA PHE E 158 -8.30 13.45 10.57
C PHE E 158 -9.78 13.79 10.86
N PRO E 159 -10.10 15.08 11.10
CA PRO E 159 -11.51 15.39 11.35
C PRO E 159 -12.39 15.00 10.15
N TYR E 160 -11.90 15.26 8.95
CA TYR E 160 -12.64 14.92 7.74
C TYR E 160 -12.79 13.40 7.59
N LEU E 161 -11.68 12.68 7.73
CA LEU E 161 -11.70 11.23 7.61
C LEU E 161 -12.61 10.59 8.65
N GLN E 162 -12.65 11.17 9.85
CA GLN E 162 -13.51 10.64 10.90
C GLN E 162 -14.97 10.89 10.51
N TRP E 163 -15.23 12.03 9.89
CA TRP E 163 -16.58 12.35 9.45
C TRP E 163 -17.03 11.33 8.41
N VAL E 164 -16.14 11.03 7.46
CA VAL E 164 -16.47 10.05 6.42
C VAL E 164 -16.93 8.73 7.05
N ARG E 165 -16.24 8.34 8.12
CA ARG E 165 -16.57 7.10 8.82
C ARG E 165 -17.91 7.21 9.57
N GLN E 166 -18.09 8.29 10.31
CA GLN E 166 -19.33 8.49 11.08
C GLN E 166 -20.57 8.53 10.22
N VAL E 167 -20.47 9.22 9.09
CA VAL E 167 -21.58 9.38 8.16
C VAL E 167 -21.94 8.10 7.39
N THR E 168 -21.08 7.10 7.44
CA THR E 168 -21.34 5.86 6.71
C THR E 168 -21.39 4.64 7.62
N GLY F 62 16.94 5.83 -7.90
CA GLY F 62 15.56 5.31 -8.18
C GLY F 62 14.50 5.96 -7.31
N TYR F 63 13.26 5.51 -7.44
CA TYR F 63 12.16 6.06 -6.65
C TYR F 63 11.74 5.15 -5.51
N VAL F 64 11.56 5.72 -4.33
CA VAL F 64 11.13 4.96 -3.17
C VAL F 64 9.60 4.96 -3.19
N PRO F 65 9.00 3.79 -3.43
CA PRO F 65 7.54 3.69 -3.47
C PRO F 65 6.87 4.37 -2.29
N GLY F 66 5.80 5.12 -2.55
CA GLY F 66 5.09 5.80 -1.49
C GLY F 66 5.77 7.02 -0.90
N SER F 67 6.94 7.40 -1.39
CA SER F 67 7.63 8.56 -0.83
C SER F 67 7.01 9.89 -1.29
N VAL F 68 6.24 9.84 -2.36
CA VAL F 68 5.56 11.02 -2.87
C VAL F 68 4.05 10.71 -2.79
N SER F 69 3.25 11.74 -2.52
CA SER F 69 1.79 11.58 -2.44
C SER F 69 1.05 12.64 -3.23
N ALA F 70 -0.18 12.30 -3.62
CA ALA F 70 -1.04 13.23 -4.32
C ALA F 70 -2.14 13.50 -3.29
N ALA F 71 -2.30 14.77 -2.93
CA ALA F 71 -3.31 15.17 -1.97
C ALA F 71 -4.44 15.87 -2.70
N PHE F 72 -5.66 15.64 -2.24
CA PHE F 72 -6.84 16.24 -2.84
C PHE F 72 -7.50 17.12 -1.81
N VAL F 73 -7.84 18.33 -2.21
CA VAL F 73 -8.48 19.30 -1.34
C VAL F 73 -9.54 20.01 -2.17
N THR F 74 -10.74 20.18 -1.62
CA THR F 74 -11.77 20.89 -2.36
C THR F 74 -11.97 22.25 -1.70
N CYS F 75 -12.24 23.26 -2.53
CA CYS F 75 -12.47 24.61 -2.04
C CYS F 75 -13.81 25.06 -2.57
N PRO F 76 -14.36 26.15 -1.99
CA PRO F 76 -15.64 26.68 -2.44
C PRO F 76 -15.59 27.40 -3.78
N ASN F 77 -14.43 27.94 -4.12
CA ASN F 77 -14.30 28.66 -5.37
C ASN F 77 -12.85 28.79 -5.83
N GLU F 78 -12.65 29.41 -6.98
CA GLU F 78 -11.31 29.59 -7.55
C GLU F 78 -10.47 30.58 -6.77
N LYS F 79 -11.12 31.58 -6.18
CA LYS F 79 -10.39 32.59 -5.42
C LYS F 79 -9.64 32.01 -4.23
N VAL F 80 -10.32 31.21 -3.42
CA VAL F 80 -9.65 30.61 -2.26
C VAL F 80 -8.74 29.46 -2.69
N ALA F 81 -9.13 28.73 -3.73
CA ALA F 81 -8.32 27.63 -4.24
C ALA F 81 -6.95 28.15 -4.67
N LYS F 82 -6.94 29.22 -5.47
CA LYS F 82 -5.69 29.80 -5.93
C LYS F 82 -4.88 30.42 -4.79
N GLU F 83 -5.58 30.94 -3.78
CA GLU F 83 -4.89 31.55 -2.64
C GLU F 83 -4.12 30.48 -1.88
N ILE F 84 -4.80 29.38 -1.61
CA ILE F 84 -4.19 28.29 -0.88
C ILE F 84 -3.07 27.64 -1.70
N ALA F 85 -3.30 27.48 -3.00
CA ALA F 85 -2.31 26.87 -3.87
C ALA F 85 -1.00 27.64 -3.91
N ARG F 86 -1.09 28.95 -4.14
CA ARG F 86 0.11 29.77 -4.19
C ARG F 86 0.82 29.75 -2.83
N ALA F 87 0.05 29.75 -1.75
CA ALA F 87 0.62 29.74 -0.41
C ALA F 87 1.42 28.46 -0.06
N VAL F 88 0.93 27.29 -0.49
CA VAL F 88 1.63 26.05 -0.19
C VAL F 88 2.88 25.84 -1.05
N VAL F 89 2.88 26.43 -2.25
CA VAL F 89 4.04 26.34 -3.13
C VAL F 89 5.13 27.26 -2.60
N GLU F 90 4.76 28.48 -2.25
CA GLU F 90 5.73 29.43 -1.73
C GLU F 90 6.34 28.95 -0.42
N LYS F 91 5.55 28.26 0.40
CA LYS F 91 6.06 27.74 1.66
C LYS F 91 6.79 26.40 1.45
N ARG F 92 6.81 25.94 0.20
CA ARG F 92 7.46 24.69 -0.15
C ARG F 92 6.80 23.46 0.50
N LEU F 93 5.48 23.52 0.68
CA LEU F 93 4.74 22.41 1.26
C LEU F 93 4.28 21.49 0.13
N ALA F 94 4.42 21.98 -1.10
CA ALA F 94 4.05 21.23 -2.29
C ALA F 94 4.92 21.67 -3.48
N ALA F 95 5.08 20.78 -4.45
CA ALA F 95 5.87 21.07 -5.64
C ALA F 95 4.98 21.74 -6.69
N CYS F 96 3.73 21.31 -6.75
CA CYS F 96 2.80 21.89 -7.69
C CYS F 96 1.37 21.52 -7.32
N VAL F 97 0.43 22.28 -7.87
CA VAL F 97 -0.97 22.05 -7.59
C VAL F 97 -1.77 22.14 -8.88
N ASN F 98 -2.73 21.24 -9.05
CA ASN F 98 -3.58 21.27 -10.23
C ASN F 98 -4.96 21.64 -9.74
N LEU F 99 -5.58 22.64 -10.35
CA LEU F 99 -6.90 23.07 -9.96
C LEU F 99 -7.90 22.63 -11.01
N ILE F 100 -8.89 21.85 -10.58
CA ILE F 100 -9.94 21.35 -11.45
C ILE F 100 -11.19 22.14 -11.09
N PRO F 101 -11.63 23.04 -11.98
CA PRO F 101 -12.82 23.85 -11.69
C PRO F 101 -14.14 23.19 -12.07
N GLN F 102 -15.23 23.88 -11.77
CA GLN F 102 -16.57 23.42 -12.10
C GLN F 102 -17.05 22.06 -11.61
N ILE F 103 -16.69 21.68 -10.38
CA ILE F 103 -17.17 20.39 -9.88
C ILE F 103 -18.37 20.56 -8.96
N THR F 104 -19.21 19.54 -8.91
CA THR F 104 -20.39 19.55 -8.06
C THR F 104 -20.14 18.59 -6.91
N SER F 105 -20.33 19.07 -5.68
CA SER F 105 -20.16 18.24 -4.49
C SER F 105 -21.51 17.82 -3.95
N ILE F 106 -21.73 16.51 -3.86
CA ILE F 106 -22.97 15.96 -3.38
C ILE F 106 -22.79 15.24 -2.03
N TYR F 107 -23.66 15.57 -1.08
CA TYR F 107 -23.59 14.98 0.26
C TYR F 107 -24.87 15.28 1.07
N GLU F 108 -25.13 14.47 2.08
CA GLU F 108 -26.30 14.66 2.92
C GLU F 108 -25.95 15.57 4.10
N TRP F 109 -26.88 16.45 4.44
CA TRP F 109 -26.68 17.37 5.56
C TRP F 109 -28.03 17.82 6.12
N LYS F 110 -28.28 17.45 7.37
CA LYS F 110 -29.52 17.79 8.06
C LYS F 110 -30.71 17.06 7.45
N GLY F 111 -30.50 15.81 7.06
CA GLY F 111 -31.55 15.00 6.47
C GLY F 111 -31.85 15.29 5.02
N LYS F 112 -31.08 16.20 4.41
CA LYS F 112 -31.29 16.55 3.01
C LYS F 112 -30.02 16.49 2.17
N ILE F 113 -30.18 16.14 0.90
CA ILE F 113 -29.04 16.06 -0.01
C ILE F 113 -28.65 17.43 -0.54
N GLU F 114 -27.39 17.79 -0.34
CA GLU F 114 -26.87 19.08 -0.78
C GLU F 114 -25.98 18.94 -2.02
N GLU F 115 -26.04 19.93 -2.91
CA GLU F 115 -25.24 19.96 -4.12
C GLU F 115 -24.59 21.34 -4.26
N ASP F 116 -23.28 21.42 -4.02
CA ASP F 116 -22.58 22.69 -4.11
C ASP F 116 -21.59 22.72 -5.27
N SER F 117 -21.20 23.93 -5.66
CA SER F 117 -20.22 24.13 -6.71
C SER F 117 -18.89 24.30 -5.99
N GLU F 118 -17.87 23.59 -6.45
CA GLU F 118 -16.57 23.68 -5.80
C GLU F 118 -15.42 23.53 -6.77
N VAL F 119 -14.21 23.71 -6.25
CA VAL F 119 -12.99 23.56 -7.03
C VAL F 119 -12.19 22.46 -6.37
N LEU F 120 -11.68 21.53 -7.17
CA LEU F 120 -10.91 20.42 -6.64
C LEU F 120 -9.43 20.64 -6.90
N MET F 121 -8.62 20.53 -5.85
CA MET F 121 -7.18 20.70 -5.95
C MET F 121 -6.47 19.36 -5.83
N MET F 122 -5.49 19.14 -6.69
CA MET F 122 -4.69 17.93 -6.64
C MET F 122 -3.30 18.46 -6.35
N ILE F 123 -2.79 18.13 -5.17
CA ILE F 123 -1.48 18.61 -4.71
C ILE F 123 -0.42 17.51 -4.66
N LYS F 124 0.73 17.76 -5.26
CA LYS F 124 1.82 16.78 -5.25
C LYS F 124 2.92 17.19 -4.31
N THR F 125 3.30 16.29 -3.41
CA THR F 125 4.36 16.59 -2.46
C THR F 125 4.93 15.33 -1.84
N GLN F 126 5.92 15.50 -0.97
CA GLN F 126 6.54 14.37 -0.28
C GLN F 126 5.53 13.89 0.74
N SER F 127 5.40 12.57 0.87
CA SER F 127 4.46 12.02 1.82
C SER F 127 4.77 12.49 3.22
N SER F 128 6.06 12.68 3.52
CA SER F 128 6.47 13.12 4.86
C SER F 128 5.98 14.54 5.15
N LEU F 129 5.55 15.24 4.11
CA LEU F 129 5.07 16.61 4.24
C LEU F 129 3.54 16.73 4.34
N VAL F 130 2.81 15.66 4.07
CA VAL F 130 1.35 15.71 4.12
C VAL F 130 0.81 16.21 5.47
N PRO F 131 1.45 15.85 6.59
CA PRO F 131 0.94 16.33 7.89
C PRO F 131 1.04 17.85 8.02
N ALA F 132 2.19 18.40 7.64
CA ALA F 132 2.36 19.86 7.71
C ALA F 132 1.50 20.56 6.65
N LEU F 133 1.30 19.92 5.49
CA LEU F 133 0.51 20.52 4.42
C LEU F 133 -0.95 20.65 4.87
N THR F 134 -1.42 19.57 5.46
CA THR F 134 -2.76 19.44 5.97
C THR F 134 -3.00 20.42 7.11
N ASP F 135 -1.99 20.59 7.95
CA ASP F 135 -2.07 21.50 9.07
C ASP F 135 -2.23 22.92 8.57
N PHE F 136 -1.40 23.31 7.62
CA PHE F 136 -1.48 24.66 7.07
C PHE F 136 -2.81 24.89 6.37
N VAL F 137 -3.20 23.96 5.51
CA VAL F 137 -4.46 24.08 4.79
C VAL F 137 -5.64 24.22 5.76
N ARG F 138 -5.54 23.56 6.91
CA ARG F 138 -6.61 23.62 7.90
C ARG F 138 -6.69 25.01 8.54
N SER F 139 -5.53 25.66 8.69
CA SER F 139 -5.49 26.97 9.31
C SER F 139 -5.90 28.13 8.41
N VAL F 140 -6.05 27.89 7.12
CA VAL F 140 -6.43 28.96 6.20
C VAL F 140 -7.68 28.67 5.37
N HIS F 141 -8.15 27.43 5.43
CA HIS F 141 -9.34 27.05 4.68
C HIS F 141 -10.60 27.58 5.36
N PRO F 142 -11.54 28.12 4.58
CA PRO F 142 -12.79 28.69 5.06
C PRO F 142 -13.75 27.70 5.71
N TYR F 143 -13.62 26.42 5.39
CA TYR F 143 -14.49 25.40 5.96
C TYR F 143 -14.06 25.05 7.38
N GLU F 144 -15.01 24.58 8.18
CA GLU F 144 -14.73 24.18 9.55
C GLU F 144 -13.86 22.93 9.48
N VAL F 145 -14.31 21.96 8.69
CA VAL F 145 -13.60 20.71 8.50
C VAL F 145 -13.28 20.52 7.02
N ALA F 146 -12.08 20.92 6.62
CA ALA F 146 -11.66 20.81 5.23
C ALA F 146 -11.36 19.38 4.78
N GLU F 147 -11.74 19.07 3.56
CA GLU F 147 -11.47 17.76 3.00
C GLU F 147 -10.02 17.70 2.51
N VAL F 148 -9.24 16.80 3.08
CA VAL F 148 -7.85 16.66 2.66
C VAL F 148 -7.53 15.19 2.72
N ILE F 149 -7.29 14.59 1.56
CA ILE F 149 -6.94 13.18 1.51
C ILE F 149 -5.70 13.02 0.68
N ALA F 150 -4.84 12.11 1.10
CA ALA F 150 -3.60 11.88 0.38
C ALA F 150 -3.48 10.41 -0.04
N LEU F 151 -3.06 10.22 -1.30
CA LEU F 151 -2.88 8.90 -1.90
C LEU F 151 -1.40 8.75 -2.24
N PRO F 152 -0.80 7.60 -1.92
CA PRO F 152 0.61 7.36 -2.20
C PRO F 152 0.90 7.05 -3.66
N VAL F 153 2.00 7.59 -4.16
CA VAL F 153 2.43 7.34 -5.53
C VAL F 153 3.38 6.15 -5.48
N GLU F 154 3.02 5.06 -6.16
CA GLU F 154 3.87 3.86 -6.17
C GLU F 154 4.89 3.87 -7.30
N GLN F 155 4.51 4.43 -8.44
CA GLN F 155 5.40 4.49 -9.59
C GLN F 155 5.20 5.78 -10.36
N GLY F 156 6.07 6.01 -11.34
CA GLY F 156 5.97 7.21 -12.16
C GLY F 156 7.29 7.58 -12.81
N ASN F 157 7.35 8.78 -13.37
CA ASN F 157 8.57 9.26 -14.03
C ASN F 157 9.53 9.71 -12.91
N PHE F 158 10.61 8.96 -12.75
CA PHE F 158 11.59 9.21 -11.70
C PHE F 158 12.15 10.63 -11.61
N PRO F 159 12.60 11.21 -12.74
CA PRO F 159 13.11 12.57 -12.60
C PRO F 159 12.03 13.55 -12.11
N TYR F 160 10.77 13.25 -12.42
CA TYR F 160 9.68 14.11 -11.96
C TYR F 160 9.49 13.90 -10.46
N LEU F 161 9.49 12.64 -10.05
CA LEU F 161 9.33 12.30 -8.64
C LEU F 161 10.50 12.91 -7.88
N GLN F 162 11.68 12.87 -8.48
CA GLN F 162 12.88 13.43 -7.88
C GLN F 162 12.72 14.95 -7.74
N TRP F 163 12.15 15.58 -8.76
CA TRP F 163 11.92 17.01 -8.75
C TRP F 163 10.97 17.42 -7.60
N VAL F 164 9.88 16.67 -7.45
CA VAL F 164 8.91 16.94 -6.39
C VAL F 164 9.59 17.07 -5.04
N ARG F 165 10.47 16.10 -4.75
CA ARG F 165 11.19 16.08 -3.50
C ARG F 165 12.23 17.19 -3.36
N GLN F 166 12.86 17.58 -4.47
CA GLN F 166 13.87 18.61 -4.41
C GLN F 166 13.29 19.99 -4.11
N VAL F 167 12.19 20.35 -4.79
CA VAL F 167 11.59 21.65 -4.59
C VAL F 167 10.76 21.77 -3.32
N THR F 168 10.77 20.75 -2.48
CA THR F 168 10.02 20.79 -1.23
C THR F 168 10.87 20.50 0.00
#